data_3E37
#
_entry.id   3E37
#
_cell.length_a   178.386
_cell.length_b   178.386
_cell.length_c   64.510
_cell.angle_alpha   90.00
_cell.angle_beta   90.00
_cell.angle_gamma   120.00
#
_symmetry.space_group_name_H-M   'P 61'
#
loop_
_entity.id
_entity.type
_entity.pdbx_description
1 polymer 'Protein farnesyltransferase/geranylgeranyltransferase type-1 subunit alpha'
2 polymer 'Protein farnesyltransferase subunit beta'
3 branched beta-D-fructofuranose-(2-1)-alpha-D-glucopyranose
4 non-polymer 'tert-butyl 4-({(2-{(4-cyanophenyl)[(1-methyl-1H-imidazol-5-yl)methyl]amino}ethyl)[(2-methylphenyl)sulfonyl]amino}methyl)piperidine-1-carboxylate'
5 non-polymer 'ZINC ION'
6 water water
#
loop_
_entity_poly.entity_id
_entity_poly.type
_entity_poly.pdbx_seq_one_letter_code
_entity_poly.pdbx_strand_id
1 'polypeptide(L)'
;MAATEGVGEAAQGGEPGQPAQPPPQPHPPPPQQQHKEEMAAEAGEAVASPMDDGFVSLDSPSYVLYRDRAEWADIDPVPQ
NDGPNPVVQIIYSDKFRDVYDYFRAVLQRDERSERAFKLTRDAIELNAANYTVWHFRRVLLKSLQKDLHEEMNYITAIIE
EQPKNYQVWHHRRVLVEWLRDPSQELEFIADILNQDAKNYHAWQHRQWVIQEFKLWDNELQYVDQLLKEDVRNNSVWNQR
YFVISNTTGYNDRAVLEREVQYTLEMIKLVPHNESAWNYLKGILQDRGLSKYPNLLNQLLDLQPSHSSPYLIAFLVDIYE
DMLENQCDNKEDILNKALELCEILAKEKDTIRKEYWRYIGRSLQSKHSTENDSPTNVQQ
;
A
2 'polypeptide(L)'
;MASPSSFTYYCPPSSSPVWSEPLYSLRPEHARERLQDDSVETVTSIEQAKVEEKIQEVFSSYKFNHLVPRLVLQREKHFH
YLKRGLRQLTDAYECLDASRPWLCYWILHSLELLDEPIPQIVATDVCQFLELCQSPEGGFGGGPGQYPHLAPTYAAVNAL
CIIGTEEAYDIINREKLLQYLYSLKQPDGSFLMHVGGEVDVRSAYCAASVASLTNIITPDLFEGTAEWIARCQNWEGGIG
GVPGMEAHGGYTFCGLAALVILKRERSLNLKSLLQWVTSRQMRFEGGFQGRCNKLVDGCYSFWQAGLLPLLHRALHAQGD
PALSMSHWMFHQQALQEYILMCCQCPAGGLLDKPGKSRDFYHTCYCLSGLSIAQHFGSGAMLHDVVLGVPENALQPTHPV
YNIGPDKVIQATTYFLQKPVPGFEELKDETSAEPATD
;
B
#
loop_
_chem_comp.id
_chem_comp.type
_chem_comp.name
_chem_comp.formula
ED5 non-polymer 'tert-butyl 4-({(2-{(4-cyanophenyl)[(1-methyl-1H-imidazol-5-yl)methyl]amino}ethyl)[(2-methylphenyl)sulfonyl]amino}methyl)piperidine-1-carboxylate' 'C32 H42 N6 O4 S'
FRU D-saccharide, beta linking beta-D-fructofuranose 'C6 H12 O6'
GLC D-saccharide, alpha linking alpha-D-glucopyranose 'C6 H12 O6'
ZN non-polymer 'ZINC ION' 'Zn 2'
#
# COMPACT_ATOMS: atom_id res chain seq x y z
N PHE A 55 -4.91 31.53 19.91
CA PHE A 55 -5.89 32.49 20.50
C PHE A 55 -7.10 31.77 21.09
N VAL A 56 -7.99 31.27 20.24
CA VAL A 56 -9.10 30.44 20.69
C VAL A 56 -9.26 29.23 19.79
N SER A 57 -9.40 28.06 20.41
CA SER A 57 -9.52 26.79 19.69
C SER A 57 -10.96 26.44 19.27
N LEU A 58 -11.09 25.58 18.26
CA LEU A 58 -12.39 25.21 17.70
C LEU A 58 -13.35 24.59 18.72
N ASP A 59 -12.80 23.99 19.77
CA ASP A 59 -13.61 23.31 20.78
C ASP A 59 -13.87 24.21 21.99
N SER A 60 -13.21 25.36 22.01
CA SER A 60 -13.30 26.25 23.16
C SER A 60 -14.70 26.83 23.35
N PRO A 61 -15.13 26.96 24.61
CA PRO A 61 -16.47 27.53 24.87
C PRO A 61 -16.63 28.93 24.31
N SER A 62 -15.56 29.70 24.23
CA SER A 62 -15.65 31.06 23.67
C SER A 62 -15.36 31.18 22.17
N TYR A 63 -15.28 30.06 21.46
CA TYR A 63 -15.04 30.11 20.01
C TYR A 63 -16.16 30.87 19.30
N VAL A 64 -15.79 31.74 18.37
CA VAL A 64 -16.76 32.47 17.53
C VAL A 64 -16.51 32.15 16.05
N LEU A 65 -17.59 31.92 15.30
CA LEU A 65 -17.49 31.71 13.86
C LEU A 65 -16.84 32.91 13.18
N TYR A 66 -16.03 32.64 12.16
CA TYR A 66 -15.34 33.70 11.47
C TYR A 66 -16.34 34.73 10.90
N ARG A 67 -17.52 34.28 10.51
CA ARG A 67 -18.49 35.20 9.92
C ARG A 67 -19.00 36.22 10.94
N ASP A 68 -18.74 35.95 12.22
CA ASP A 68 -19.18 36.81 13.33
C ASP A 68 -18.06 37.66 13.94
N ARG A 69 -16.84 37.49 13.44
CA ARG A 69 -15.68 38.18 14.03
C ARG A 69 -15.46 39.53 13.39
N ALA A 70 -15.46 40.58 14.22
CA ALA A 70 -15.31 41.93 13.70
C ALA A 70 -14.02 42.12 12.92
N GLU A 71 -12.94 41.46 13.36
CA GLU A 71 -11.64 41.61 12.71
C GLU A 71 -11.56 40.89 11.35
N TRP A 72 -12.64 40.20 10.99
CA TRP A 72 -12.74 39.56 9.70
C TRP A 72 -13.82 40.18 8.83
N ALA A 73 -14.46 41.22 9.34
CA ALA A 73 -15.63 41.79 8.65
C ALA A 73 -15.33 42.36 7.27
N ASP A 74 -14.09 42.75 7.03
CA ASP A 74 -13.70 43.42 5.79
C ASP A 74 -13.48 42.48 4.60
N ILE A 75 -13.49 41.17 4.83
CA ILE A 75 -13.27 40.25 3.72
C ILE A 75 -14.48 39.35 3.59
N ASP A 76 -14.94 39.16 2.35
CA ASP A 76 -16.11 38.36 2.09
C ASP A 76 -15.71 36.88 2.00
N PRO A 77 -16.49 36.01 2.64
CA PRO A 77 -16.17 34.57 2.54
C PRO A 77 -16.40 34.08 1.11
N VAL A 78 -15.67 33.05 0.71
CA VAL A 78 -15.79 32.50 -0.64
C VAL A 78 -16.34 31.07 -0.56
N PRO A 79 -17.60 30.88 -0.96
CA PRO A 79 -18.21 29.56 -0.86
C PRO A 79 -17.59 28.57 -1.84
N GLN A 80 -17.69 27.29 -1.52
CA GLN A 80 -17.25 26.25 -2.42
C GLN A 80 -18.32 26.08 -3.49
N ASN A 81 -17.94 26.13 -4.75
CA ASN A 81 -18.91 25.77 -5.76
C ASN A 81 -18.76 24.30 -6.16
N ASP A 82 -19.75 23.49 -5.80
CA ASP A 82 -19.74 22.08 -6.11
C ASP A 82 -20.51 21.80 -7.40
N GLY A 83 -21.02 22.86 -8.02
CA GLY A 83 -21.79 22.72 -9.25
C GLY A 83 -23.27 22.59 -8.99
N PRO A 84 -24.09 22.71 -10.05
CA PRO A 84 -25.54 22.68 -9.87
C PRO A 84 -26.08 21.30 -9.47
N ASN A 85 -25.35 20.25 -9.82
CA ASN A 85 -25.80 18.87 -9.51
C ASN A 85 -24.68 18.09 -8.85
N PRO A 86 -24.45 18.36 -7.56
CA PRO A 86 -23.30 17.88 -6.80
C PRO A 86 -23.19 16.36 -6.66
N VAL A 87 -21.96 15.86 -6.59
CA VAL A 87 -21.70 14.46 -6.30
C VAL A 87 -20.71 14.39 -5.15
N VAL A 88 -20.66 13.23 -4.51
CA VAL A 88 -19.89 13.02 -3.30
C VAL A 88 -19.89 14.29 -2.44
N GLN A 89 -21.09 14.85 -2.27
CA GLN A 89 -21.25 16.12 -1.57
C GLN A 89 -21.33 15.93 -0.06
N ILE A 90 -20.39 16.55 0.65
CA ILE A 90 -20.31 16.42 2.10
C ILE A 90 -21.13 17.53 2.73
N ILE A 91 -22.12 17.15 3.53
CA ILE A 91 -22.92 18.17 4.19
C ILE A 91 -22.18 18.64 5.43
N TYR A 92 -21.36 19.67 5.26
CA TYR A 92 -20.45 20.12 6.30
C TYR A 92 -21.20 20.68 7.50
N SER A 93 -20.59 20.57 8.67
CA SER A 93 -21.07 21.29 9.83
C SER A 93 -20.92 22.80 9.57
N ASP A 94 -21.69 23.60 10.30
CA ASP A 94 -21.60 25.03 10.18
C ASP A 94 -20.17 25.50 10.45
N LYS A 95 -19.54 24.95 11.50
CA LYS A 95 -18.21 25.36 11.89
C LYS A 95 -17.18 25.05 10.80
N PHE A 96 -17.30 23.86 10.22
CA PHE A 96 -16.38 23.45 9.15
C PHE A 96 -16.53 24.39 7.95
N ARG A 97 -17.77 24.59 7.47
CA ARG A 97 -17.98 25.43 6.30
C ARG A 97 -17.51 26.87 6.53
N ASP A 98 -17.76 27.39 7.73
CA ASP A 98 -17.38 28.75 8.06
C ASP A 98 -15.86 28.93 7.93
N VAL A 99 -15.08 28.05 8.56
CA VAL A 99 -13.62 28.15 8.44
C VAL A 99 -13.17 28.05 7.00
N TYR A 100 -13.67 27.05 6.29
CA TYR A 100 -13.23 26.84 4.90
C TYR A 100 -13.70 27.93 3.91
N ASP A 101 -14.85 28.55 4.18
CA ASP A 101 -15.26 29.70 3.35
C ASP A 101 -14.26 30.84 3.52
N TYR A 102 -13.77 31.04 4.75
CA TYR A 102 -12.80 32.12 4.97
C TYR A 102 -11.42 31.72 4.48
N PHE A 103 -11.11 30.43 4.59
CA PHE A 103 -9.84 29.98 4.01
C PHE A 103 -9.81 30.22 2.51
N ARG A 104 -10.90 29.88 1.82
CA ARG A 104 -10.94 30.09 0.37
C ARG A 104 -10.76 31.57 0.07
N ALA A 105 -11.27 32.43 0.94
CA ALA A 105 -11.16 33.88 0.72
C ALA A 105 -9.70 34.35 0.81
N VAL A 106 -9.00 33.94 1.86
CA VAL A 106 -7.63 34.38 2.00
C VAL A 106 -6.73 33.72 0.94
N LEU A 107 -7.05 32.49 0.56
CA LEU A 107 -6.28 31.83 -0.47
C LEU A 107 -6.44 32.56 -1.79
N GLN A 108 -7.67 32.91 -2.12
CA GLN A 108 -7.98 33.57 -3.38
C GLN A 108 -7.31 34.94 -3.47
N ARG A 109 -7.23 35.63 -2.35
CA ARG A 109 -6.63 36.97 -2.30
C ARG A 109 -5.13 36.89 -2.07
N ASP A 110 -4.63 35.67 -1.85
CA ASP A 110 -3.25 35.48 -1.44
C ASP A 110 -2.90 36.45 -0.31
N GLU A 111 -3.76 36.50 0.70
CA GLU A 111 -3.51 37.36 1.85
C GLU A 111 -2.49 36.74 2.81
N ARG A 112 -1.30 37.32 2.87
CA ARG A 112 -0.25 36.81 3.74
C ARG A 112 -0.27 37.56 5.07
N SER A 113 -1.20 37.21 5.94
CA SER A 113 -1.41 37.95 7.16
C SER A 113 -1.37 37.08 8.40
N GLU A 114 -1.17 37.71 9.56
CA GLU A 114 -1.27 37.00 10.81
C GLU A 114 -2.66 36.39 10.99
N ARG A 115 -3.72 37.11 10.58
CA ARG A 115 -5.05 36.54 10.75
C ARG A 115 -5.20 35.29 9.89
N ALA A 116 -4.64 35.33 8.69
CA ALA A 116 -4.71 34.16 7.81
C ALA A 116 -3.93 32.97 8.41
N PHE A 117 -2.79 33.28 8.99
CA PHE A 117 -1.97 32.26 9.67
C PHE A 117 -2.75 31.57 10.78
N LYS A 118 -3.42 32.35 11.63
CA LYS A 118 -4.17 31.75 12.73
C LYS A 118 -5.32 30.91 12.19
N LEU A 119 -5.91 31.37 11.09
CA LEU A 119 -7.02 30.66 10.46
C LEU A 119 -6.58 29.27 9.98
N THR A 120 -5.37 29.17 9.44
CA THR A 120 -4.91 27.84 8.97
C THR A 120 -4.88 26.82 10.11
N ARG A 121 -4.59 27.26 11.33
CA ARG A 121 -4.57 26.34 12.46
C ARG A 121 -5.94 25.69 12.68
N ASP A 122 -6.99 26.47 12.53
CA ASP A 122 -8.36 25.96 12.64
C ASP A 122 -8.75 25.05 11.48
N ALA A 123 -8.36 25.45 10.26
CA ALA A 123 -8.63 24.64 9.08
C ALA A 123 -7.95 23.27 9.20
N ILE A 124 -6.73 23.28 9.73
CA ILE A 124 -6.00 22.04 9.96
C ILE A 124 -6.68 21.14 11.01
N GLU A 125 -7.14 21.73 12.12
CA GLU A 125 -7.84 20.95 13.12
C GLU A 125 -9.07 20.30 12.51
N LEU A 126 -9.77 21.02 11.63
CA LEU A 126 -10.96 20.49 10.96
C LEU A 126 -10.66 19.41 9.93
N ASN A 127 -9.57 19.57 9.17
CA ASN A 127 -9.14 18.49 8.28
C ASN A 127 -7.65 18.51 8.06
N ALA A 128 -6.91 17.73 8.85
CA ALA A 128 -5.45 17.83 8.83
C ALA A 128 -4.86 17.17 7.59
N ALA A 129 -5.72 16.53 6.79
CA ALA A 129 -5.29 15.95 5.52
C ALA A 129 -5.39 16.96 4.37
N ASN A 130 -5.86 18.19 4.66
CA ASN A 130 -5.94 19.20 3.61
C ASN A 130 -4.55 19.78 3.29
N TYR A 131 -3.91 19.24 2.25
CA TYR A 131 -2.53 19.58 1.95
C TYR A 131 -2.44 21.01 1.41
N THR A 132 -3.55 21.51 0.87
CA THR A 132 -3.59 22.90 0.39
C THR A 132 -3.39 23.87 1.56
N VAL A 133 -4.11 23.61 2.66
CA VAL A 133 -3.97 24.43 3.86
C VAL A 133 -2.53 24.39 4.38
N TRP A 134 -1.96 23.19 4.45
CA TRP A 134 -0.58 23.06 4.94
C TRP A 134 0.39 23.86 4.08
N HIS A 135 0.23 23.79 2.76
CA HIS A 135 1.13 24.50 1.85
C HIS A 135 1.02 26.00 2.10
N PHE A 136 -0.20 26.49 2.22
CA PHE A 136 -0.41 27.90 2.50
C PHE A 136 0.19 28.31 3.85
N ARG A 137 0.02 27.47 4.87
CA ARG A 137 0.61 27.78 6.17
C ARG A 137 2.13 27.94 6.07
N ARG A 138 2.77 27.11 5.25
CA ARG A 138 4.21 27.24 5.05
C ARG A 138 4.58 28.52 4.30
N VAL A 139 3.76 28.89 3.32
CA VAL A 139 3.96 30.18 2.63
C VAL A 139 3.93 31.31 3.66
N LEU A 140 3.00 31.21 4.60
CA LEU A 140 2.86 32.25 5.64
C LEU A 140 4.00 32.22 6.65
N LEU A 141 4.47 31.03 7.00
CA LEU A 141 5.59 30.94 7.96
C LEU A 141 6.77 31.76 7.44
N LYS A 142 7.05 31.61 6.15
CA LYS A 142 8.15 32.32 5.53
C LYS A 142 7.85 33.80 5.36
N SER A 143 6.70 34.10 4.77
CA SER A 143 6.29 35.47 4.49
C SER A 143 6.23 36.34 5.76
N LEU A 144 5.75 35.77 6.86
CA LEU A 144 5.63 36.49 8.13
C LEU A 144 6.84 36.34 9.02
N GLN A 145 7.84 35.59 8.56
CA GLN A 145 9.02 35.30 9.37
C GLN A 145 8.64 34.80 10.78
N LYS A 146 7.74 33.81 10.82
CA LYS A 146 7.30 33.26 12.09
C LYS A 146 8.41 32.50 12.81
N ASP A 147 8.35 32.47 14.13
CA ASP A 147 9.32 31.72 14.93
C ASP A 147 9.16 30.23 14.65
N LEU A 148 10.17 29.63 14.02
CA LEU A 148 10.09 28.21 13.64
C LEU A 148 10.18 27.26 14.83
N HIS A 149 10.79 27.68 15.93
CA HIS A 149 10.80 26.84 17.12
C HIS A 149 9.40 26.76 17.70
N GLU A 150 8.65 27.85 17.64
CA GLU A 150 7.26 27.79 18.10
C GLU A 150 6.47 26.84 17.19
N GLU A 151 6.75 26.92 15.90
CA GLU A 151 6.02 26.07 14.95
C GLU A 151 6.37 24.60 15.19
N MET A 152 7.60 24.33 15.63
CA MET A 152 8.00 22.98 15.97
C MET A 152 7.22 22.45 17.17
N ASN A 153 6.97 23.31 18.17
CA ASN A 153 6.13 22.92 19.29
C ASN A 153 4.72 22.59 18.82
N TYR A 154 4.25 23.36 17.85
CA TYR A 154 2.92 23.15 17.28
C TYR A 154 2.86 21.79 16.58
N ILE A 155 3.81 21.53 15.69
CA ILE A 155 3.76 20.29 14.88
C ILE A 155 3.96 19.08 15.79
N THR A 156 4.71 19.26 16.86
CA THR A 156 4.91 18.21 17.83
C THR A 156 3.56 17.78 18.43
N ALA A 157 2.78 18.75 18.86
CA ALA A 157 1.47 18.45 19.42
C ALA A 157 0.56 17.82 18.38
N ILE A 158 0.57 18.34 17.16
CA ILE A 158 -0.32 17.84 16.11
C ILE A 158 -0.02 16.38 15.75
N ILE A 159 1.26 16.08 15.62
CA ILE A 159 1.66 14.71 15.27
C ILE A 159 1.25 13.73 16.35
N GLU A 160 1.38 14.12 17.61
CA GLU A 160 0.97 13.27 18.72
C GLU A 160 -0.51 12.92 18.60
N GLU A 161 -1.31 13.89 18.14
CA GLU A 161 -2.75 13.70 17.94
C GLU A 161 -3.07 12.88 16.69
N GLN A 162 -2.31 13.11 15.62
CA GLN A 162 -2.57 12.48 14.34
C GLN A 162 -1.29 11.88 13.76
N PRO A 163 -0.78 10.81 14.39
CA PRO A 163 0.53 10.30 14.02
C PRO A 163 0.59 9.52 12.71
N LYS A 164 -0.54 9.23 12.08
CA LYS A 164 -0.55 8.48 10.81
C LYS A 164 -0.82 9.36 9.57
N ASN A 165 -0.62 10.66 9.70
CA ASN A 165 -1.01 11.58 8.65
C ASN A 165 0.22 12.02 7.88
N TYR A 166 0.18 11.98 6.54
CA TYR A 166 1.35 12.32 5.74
C TYR A 166 1.75 13.79 5.87
N GLN A 167 0.75 14.66 5.95
CA GLN A 167 1.03 16.10 5.91
C GLN A 167 1.80 16.58 7.12
N VAL A 168 1.49 16.02 8.29
CA VAL A 168 2.08 16.50 9.53
C VAL A 168 3.57 16.13 9.59
N TRP A 169 3.89 14.94 9.09
CA TRP A 169 5.28 14.51 9.05
C TRP A 169 6.07 15.32 8.03
N HIS A 170 5.46 15.58 6.87
CA HIS A 170 6.16 16.35 5.87
C HIS A 170 6.43 17.75 6.39
N HIS A 171 5.45 18.32 7.08
CA HIS A 171 5.60 19.67 7.62
C HIS A 171 6.78 19.71 8.60
N ARG A 172 6.85 18.72 9.47
CA ARG A 172 7.96 18.64 10.43
C ARG A 172 9.31 18.57 9.72
N ARG A 173 9.40 17.74 8.69
CA ARG A 173 10.64 17.64 7.95
C ARG A 173 11.02 18.98 7.36
N VAL A 174 10.04 19.69 6.79
CA VAL A 174 10.35 21.00 6.22
C VAL A 174 10.96 21.94 7.29
N LEU A 175 10.35 21.96 8.48
CA LEU A 175 10.85 22.78 9.60
C LEU A 175 12.27 22.42 9.98
N VAL A 176 12.53 21.12 10.13
CA VAL A 176 13.86 20.68 10.49
C VAL A 176 14.86 21.08 9.40
N GLU A 177 14.47 20.93 8.14
CA GLU A 177 15.30 21.40 7.02
C GLU A 177 15.56 22.90 7.09
N TRP A 178 14.52 23.68 7.36
CA TRP A 178 14.66 25.13 7.42
C TRP A 178 15.57 25.55 8.57
N LEU A 179 15.45 24.87 9.70
CA LEU A 179 16.23 25.18 10.89
C LEU A 179 17.60 24.54 10.87
N ARG A 180 17.78 23.53 10.02
CA ARG A 180 18.96 22.67 10.11
C ARG A 180 19.21 22.24 11.55
N ASP A 181 18.13 21.95 12.27
CA ASP A 181 18.18 21.58 13.68
C ASP A 181 17.48 20.25 13.95
N PRO A 182 18.26 19.16 14.06
CA PRO A 182 17.71 17.83 14.30
C PRO A 182 17.69 17.46 15.78
N SER A 183 17.97 18.43 16.65
CA SER A 183 18.26 18.12 18.05
C SER A 183 17.09 17.51 18.85
N GLN A 184 15.85 17.72 18.42
CA GLN A 184 14.70 17.16 19.13
C GLN A 184 14.16 15.88 18.48
N GLU A 185 14.67 15.55 17.31
CA GLU A 185 14.06 14.53 16.46
C GLU A 185 14.08 13.11 17.03
N LEU A 186 15.25 12.61 17.41
CA LEU A 186 15.33 11.22 17.83
C LEU A 186 14.46 10.96 19.06
N GLU A 187 14.45 11.90 20.00
CA GLU A 187 13.65 11.75 21.20
C GLU A 187 12.15 11.87 20.89
N PHE A 188 11.79 12.80 20.03
CA PHE A 188 10.38 12.95 19.66
C PHE A 188 9.89 11.67 18.97
N ILE A 189 10.65 11.19 17.99
CA ILE A 189 10.26 9.99 17.27
C ILE A 189 10.13 8.79 18.20
N ALA A 190 11.07 8.67 19.14
CA ALA A 190 11.04 7.57 20.06
C ALA A 190 9.76 7.63 20.89
N ASP A 191 9.26 8.83 21.17
CA ASP A 191 8.00 8.93 21.92
C ASP A 191 6.84 8.42 21.07
N ILE A 192 6.82 8.81 19.80
CA ILE A 192 5.77 8.32 18.90
C ILE A 192 5.84 6.80 18.78
N LEU A 193 7.05 6.26 18.61
CA LEU A 193 7.28 4.81 18.48
C LEU A 193 6.97 4.07 19.76
N ASN A 194 6.98 4.77 20.88
CA ASN A 194 6.62 4.17 22.15
C ASN A 194 5.11 3.90 22.20
N GLN A 195 4.36 4.64 21.40
CA GLN A 195 2.92 4.47 21.30
C GLN A 195 2.50 3.50 20.19
N ASP A 196 3.23 3.52 19.08
CA ASP A 196 3.02 2.54 18.01
C ASP A 196 4.38 2.23 17.40
N ALA A 197 4.92 1.08 17.75
CA ALA A 197 6.32 0.79 17.45
C ALA A 197 6.54 0.49 15.97
N LYS A 198 5.45 0.48 15.21
CA LYS A 198 5.51 0.13 13.79
C LYS A 198 5.05 1.28 12.89
N ASN A 199 4.87 2.46 13.48
CA ASN A 199 4.44 3.62 12.71
C ASN A 199 5.39 3.91 11.52
N TYR A 200 4.88 3.71 10.32
CA TYR A 200 5.71 3.76 9.14
C TYR A 200 6.25 5.17 8.91
N HIS A 201 5.41 6.19 9.13
CA HIS A 201 5.84 7.57 8.96
C HIS A 201 6.95 7.94 9.93
N ALA A 202 6.84 7.43 11.15
CA ALA A 202 7.83 7.73 12.20
C ALA A 202 9.17 7.09 11.84
N TRP A 203 9.15 5.84 11.39
CA TRP A 203 10.40 5.21 10.97
C TRP A 203 11.04 5.93 9.78
N GLN A 204 10.21 6.37 8.83
CA GLN A 204 10.73 7.02 7.63
C GLN A 204 11.38 8.36 7.99
N HIS A 205 10.72 9.11 8.86
CA HIS A 205 11.28 10.38 9.30
C HIS A 205 12.58 10.14 10.08
N ARG A 206 12.61 9.07 10.87
CA ARG A 206 13.80 8.72 11.64
C ARG A 206 14.98 8.39 10.72
N GLN A 207 14.72 7.61 9.67
CA GLN A 207 15.74 7.31 8.70
C GLN A 207 16.27 8.56 8.02
N TRP A 208 15.36 9.46 7.64
CA TRP A 208 15.77 10.69 7.00
C TRP A 208 16.69 11.51 7.91
N VAL A 209 16.25 11.71 9.15
CA VAL A 209 17.00 12.54 10.09
C VAL A 209 18.40 11.97 10.32
N ILE A 210 18.47 10.65 10.53
CA ILE A 210 19.76 10.00 10.79
C ILE A 210 20.70 10.14 9.60
N GLN A 211 20.18 9.91 8.40
CA GLN A 211 21.00 9.99 7.20
C GLN A 211 21.42 11.44 6.89
N GLU A 212 20.47 12.36 6.99
CA GLU A 212 20.73 13.75 6.61
C GLU A 212 21.69 14.44 7.57
N PHE A 213 21.57 14.13 8.86
CA PHE A 213 22.35 14.82 9.87
C PHE A 213 23.43 13.93 10.48
N LYS A 214 23.58 12.74 9.91
CA LYS A 214 24.63 11.79 10.31
C LYS A 214 24.57 11.43 11.78
N LEU A 215 23.39 11.03 12.24
CA LEU A 215 23.21 10.67 13.64
C LEU A 215 23.15 9.16 13.84
N TRP A 216 24.21 8.46 13.41
CA TRP A 216 24.24 7.00 13.44
C TRP A 216 24.64 6.40 14.79
N ASP A 217 25.36 7.17 15.59
CA ASP A 217 26.10 6.64 16.75
C ASP A 217 25.31 5.78 17.73
N ASN A 218 24.05 6.10 17.95
CA ASN A 218 23.31 5.40 18.98
C ASN A 218 22.18 4.54 18.45
N GLU A 219 22.05 4.42 17.12
CA GLU A 219 20.86 3.78 16.58
C GLU A 219 20.83 2.25 16.74
N LEU A 220 21.98 1.59 16.63
CA LEU A 220 22.01 0.15 16.85
C LEU A 220 21.60 -0.18 18.28
N GLN A 221 22.03 0.64 19.24
CA GLN A 221 21.61 0.44 20.62
C GLN A 221 20.09 0.61 20.73
N TYR A 222 19.53 1.56 19.99
CA TYR A 222 18.08 1.77 20.01
C TYR A 222 17.35 0.57 19.39
N VAL A 223 17.84 0.10 18.25
CA VAL A 223 17.37 -1.13 17.62
C VAL A 223 17.38 -2.30 18.60
N ASP A 224 18.51 -2.49 19.28
CA ASP A 224 18.60 -3.59 20.24
C ASP A 224 17.54 -3.48 21.34
N GLN A 225 17.29 -2.28 21.83
CA GLN A 225 16.29 -2.10 22.88
C GLN A 225 14.92 -2.51 22.38
N LEU A 226 14.55 -2.06 21.18
CA LEU A 226 13.24 -2.37 20.64
C LEU A 226 13.08 -3.85 20.28
N LEU A 227 14.15 -4.50 19.82
CA LEU A 227 14.09 -5.94 19.57
C LEU A 227 13.90 -6.73 20.88
N LYS A 228 14.45 -6.22 21.97
CA LYS A 228 14.21 -6.84 23.27
C LYS A 228 12.73 -6.73 23.64
N GLU A 229 12.13 -5.59 23.36
CA GLU A 229 10.72 -5.37 23.63
C GLU A 229 9.79 -6.22 22.77
N ASP A 230 10.10 -6.31 21.49
CA ASP A 230 9.28 -7.13 20.60
C ASP A 230 10.15 -7.58 19.42
N VAL A 231 10.69 -8.79 19.55
CA VAL A 231 11.60 -9.32 18.56
C VAL A 231 10.88 -9.62 17.24
N ARG A 232 9.54 -9.56 17.25
CA ARG A 232 8.75 -9.74 16.02
C ARG A 232 8.48 -8.42 15.30
N ASN A 233 9.09 -7.34 15.77
CA ASN A 233 8.81 -6.05 15.16
C ASN A 233 9.63 -5.87 13.88
N ASN A 234 9.00 -6.15 12.74
CA ASN A 234 9.71 -6.14 11.48
C ASN A 234 10.30 -4.77 11.15
N SER A 235 9.65 -3.71 11.60
CA SER A 235 10.18 -2.36 11.36
C SER A 235 11.57 -2.20 11.98
N VAL A 236 11.77 -2.89 13.10
CA VAL A 236 13.04 -2.77 13.82
C VAL A 236 14.14 -3.61 13.16
N TRP A 237 13.78 -4.79 12.66
CA TRP A 237 14.73 -5.53 11.85
C TRP A 237 15.13 -4.75 10.61
N ASN A 238 14.17 -4.07 9.99
CA ASN A 238 14.52 -3.24 8.86
C ASN A 238 15.48 -2.12 9.29
N GLN A 239 15.26 -1.56 10.46
CA GLN A 239 16.15 -0.49 10.92
C GLN A 239 17.56 -1.02 11.20
N ARG A 240 17.63 -2.27 11.67
CA ARG A 240 18.91 -2.92 11.90
C ARG A 240 19.73 -2.97 10.59
N TYR A 241 19.08 -3.43 9.51
CA TYR A 241 19.73 -3.46 8.21
C TYR A 241 20.13 -2.06 7.77
N PHE A 242 19.22 -1.10 7.96
CA PHE A 242 19.48 0.28 7.58
C PHE A 242 20.76 0.79 8.28
N VAL A 243 20.85 0.60 9.58
CA VAL A 243 22.01 1.12 10.34
C VAL A 243 23.32 0.44 9.90
N ILE A 244 23.30 -0.87 9.83
CA ILE A 244 24.55 -1.61 9.57
C ILE A 244 25.05 -1.37 8.15
N SER A 245 24.14 -1.45 7.18
CA SER A 245 24.55 -1.23 5.79
C SER A 245 25.13 0.16 5.57
N ASN A 246 24.67 1.13 6.34
CA ASN A 246 25.10 2.52 6.17
C ASN A 246 26.28 2.93 7.04
N THR A 247 26.68 2.05 7.95
CA THR A 247 27.81 2.34 8.84
C THR A 247 29.00 1.44 8.51
N THR A 248 29.06 0.25 9.09
CA THR A 248 30.14 -0.70 8.80
C THR A 248 29.99 -1.42 7.45
N GLY A 249 28.75 -1.60 7.01
CA GLY A 249 28.49 -2.48 5.89
C GLY A 249 28.50 -3.92 6.38
N TYR A 250 28.15 -4.84 5.50
CA TYR A 250 28.14 -6.26 5.79
C TYR A 250 29.31 -6.99 5.12
N ASN A 251 30.19 -6.25 4.44
CA ASN A 251 31.35 -6.88 3.80
C ASN A 251 32.43 -7.23 4.81
N ASP A 252 32.45 -6.51 5.93
CA ASP A 252 33.33 -6.85 7.03
C ASP A 252 32.89 -8.20 7.57
N ARG A 253 33.75 -9.21 7.42
CA ARG A 253 33.35 -10.58 7.77
C ARG A 253 33.08 -10.76 9.26
N ALA A 254 33.74 -9.95 10.09
CA ALA A 254 33.46 -9.96 11.53
C ALA A 254 32.04 -9.44 11.83
N VAL A 255 31.63 -8.41 11.10
CA VAL A 255 30.29 -7.86 11.29
C VAL A 255 29.25 -8.86 10.84
N LEU A 256 29.48 -9.47 9.68
CA LEU A 256 28.52 -10.44 9.18
C LEU A 256 28.37 -11.62 10.14
N GLU A 257 29.48 -12.11 10.67
CA GLU A 257 29.41 -13.23 11.60
C GLU A 257 28.63 -12.85 12.86
N ARG A 258 28.88 -11.68 13.41
CA ARG A 258 28.13 -11.18 14.57
C ARG A 258 26.63 -11.16 14.25
N GLU A 259 26.29 -10.69 13.06
CA GLU A 259 24.89 -10.58 12.67
C GLU A 259 24.24 -11.93 12.43
N VAL A 260 24.96 -12.83 11.79
CA VAL A 260 24.45 -14.20 11.61
C VAL A 260 24.26 -14.88 12.97
N GLN A 261 25.24 -14.75 13.86
CA GLN A 261 25.11 -15.33 15.20
C GLN A 261 23.93 -14.78 15.97
N TYR A 262 23.80 -13.46 15.96
CA TYR A 262 22.73 -12.80 16.69
C TYR A 262 21.38 -13.30 16.18
N THR A 263 21.27 -13.39 14.86
CA THR A 263 20.00 -13.78 14.26
C THR A 263 19.64 -15.21 14.54
N LEU A 264 20.62 -16.11 14.44
CA LEU A 264 20.41 -17.50 14.80
C LEU A 264 20.01 -17.66 16.26
N GLU A 265 20.58 -16.85 17.14
CA GLU A 265 20.15 -16.85 18.52
C GLU A 265 18.69 -16.44 18.66
N MET A 266 18.26 -15.43 17.90
CA MET A 266 16.88 -14.98 17.99
C MET A 266 15.92 -16.05 17.47
N ILE A 267 16.36 -16.74 16.42
CA ILE A 267 15.58 -17.82 15.85
C ILE A 267 15.44 -18.96 16.88
N LYS A 268 16.53 -19.27 17.57
CA LYS A 268 16.45 -20.31 18.58
C LYS A 268 15.45 -19.97 19.67
N LEU A 269 15.43 -18.71 20.08
CA LEU A 269 14.51 -18.26 21.13
C LEU A 269 13.05 -18.26 20.67
N VAL A 270 12.82 -17.87 19.42
CA VAL A 270 11.46 -17.75 18.88
C VAL A 270 11.46 -18.29 17.45
N PRO A 271 11.44 -19.61 17.30
CA PRO A 271 11.66 -20.20 15.98
C PRO A 271 10.56 -19.94 14.93
N HIS A 272 9.38 -19.53 15.35
CA HIS A 272 8.33 -19.23 14.36
C HIS A 272 8.21 -17.73 14.07
N ASN A 273 9.19 -16.95 14.52
CA ASN A 273 9.23 -15.52 14.19
C ASN A 273 9.78 -15.31 12.79
N GLU A 274 8.91 -14.98 11.85
CA GLU A 274 9.35 -14.83 10.46
C GLU A 274 10.38 -13.73 10.23
N SER A 275 10.34 -12.65 11.02
CA SER A 275 11.22 -11.52 10.75
C SER A 275 12.70 -11.92 10.86
N ALA A 276 13.04 -12.72 11.86
CA ALA A 276 14.44 -13.10 12.04
C ALA A 276 14.89 -13.97 10.87
N TRP A 277 14.05 -14.92 10.47
CA TRP A 277 14.34 -15.74 9.28
C TRP A 277 14.56 -14.88 8.04
N ASN A 278 13.71 -13.89 7.84
CA ASN A 278 13.84 -13.03 6.67
C ASN A 278 15.10 -12.21 6.71
N TYR A 279 15.50 -11.77 7.90
CA TYR A 279 16.73 -11.00 8.03
C TYR A 279 17.94 -11.88 7.75
N LEU A 280 17.92 -13.11 8.26
CA LEU A 280 19.01 -14.04 7.98
C LEU A 280 19.20 -14.21 6.47
N LYS A 281 18.11 -14.42 5.75
CA LYS A 281 18.19 -14.54 4.30
C LYS A 281 18.66 -13.22 3.70
N GLY A 282 18.10 -12.12 4.21
CA GLY A 282 18.41 -10.80 3.66
C GLY A 282 19.89 -10.46 3.67
N ILE A 283 20.59 -10.81 4.75
CA ILE A 283 22.00 -10.42 4.84
C ILE A 283 22.93 -11.40 4.13
N LEU A 284 22.40 -12.53 3.69
CA LEU A 284 23.22 -13.54 2.99
C LEU A 284 22.94 -13.66 1.49
N GLN A 285 21.76 -13.24 1.07
CA GLN A 285 21.27 -13.57 -0.27
C GLN A 285 22.10 -12.99 -1.41
N ASP A 286 22.67 -11.82 -1.24
CA ASP A 286 23.32 -11.22 -2.39
C ASP A 286 24.64 -11.89 -2.74
N ARG A 287 25.39 -12.33 -1.73
CA ARG A 287 26.56 -13.14 -2.02
C ARG A 287 26.13 -14.53 -2.46
N GLY A 288 24.97 -14.97 -1.98
CA GLY A 288 24.43 -16.27 -2.38
C GLY A 288 24.39 -17.22 -1.21
N LEU A 289 23.21 -17.75 -0.91
CA LEU A 289 23.05 -18.64 0.23
C LEU A 289 23.99 -19.84 0.19
N SER A 290 24.35 -20.29 -1.01
CA SER A 290 25.20 -21.46 -1.11
C SER A 290 26.66 -21.14 -0.76
N LYS A 291 26.97 -19.86 -0.56
CA LYS A 291 28.36 -19.47 -0.24
C LYS A 291 28.68 -19.72 1.22
N TYR A 292 27.69 -20.18 1.97
CA TYR A 292 27.80 -20.34 3.42
C TYR A 292 27.55 -21.79 3.81
N PRO A 293 28.50 -22.68 3.49
CA PRO A 293 28.33 -24.13 3.67
C PRO A 293 28.02 -24.57 5.11
N ASN A 294 28.58 -23.90 6.10
CA ASN A 294 28.29 -24.28 7.48
C ASN A 294 26.84 -24.03 7.86
N LEU A 295 26.23 -23.00 7.29
CA LEU A 295 24.85 -22.68 7.65
C LEU A 295 23.91 -23.82 7.31
N LEU A 296 24.09 -24.42 6.14
CA LEU A 296 23.28 -25.55 5.72
C LEU A 296 23.34 -26.67 6.75
N ASN A 297 24.56 -27.06 7.12
CA ASN A 297 24.77 -28.10 8.13
C ASN A 297 24.04 -27.77 9.42
N GLN A 298 24.19 -26.55 9.89
CA GLN A 298 23.55 -26.15 11.13
C GLN A 298 22.03 -26.23 11.04
N LEU A 299 21.48 -25.76 9.93
CA LEU A 299 20.03 -25.85 9.74
C LEU A 299 19.56 -27.30 9.63
N LEU A 300 20.34 -28.12 8.93
CA LEU A 300 20.01 -29.54 8.77
C LEU A 300 19.98 -30.26 10.13
N ASP A 301 20.80 -29.81 11.07
CA ASP A 301 20.82 -30.41 12.40
C ASP A 301 19.54 -30.08 13.15
N LEU A 302 19.04 -28.86 12.95
CA LEU A 302 17.83 -28.40 13.64
C LEU A 302 16.55 -28.93 13.03
N GLN A 303 16.64 -29.46 11.81
CA GLN A 303 15.45 -29.84 11.06
C GLN A 303 14.55 -30.86 11.77
N PRO A 304 15.15 -31.99 12.19
CA PRO A 304 14.39 -33.04 12.86
C PRO A 304 13.61 -32.53 14.08
N SER A 305 14.16 -31.57 14.80
CA SER A 305 13.53 -31.08 16.02
C SER A 305 12.78 -29.75 15.83
N HIS A 306 13.07 -29.04 14.74
CA HIS A 306 12.43 -27.76 14.48
C HIS A 306 12.07 -27.60 13.01
N SER A 307 11.24 -28.50 12.52
CA SER A 307 10.92 -28.54 11.11
C SER A 307 9.77 -27.59 10.78
N SER A 308 10.00 -26.29 11.01
CA SER A 308 9.01 -25.27 10.70
C SER A 308 9.01 -24.96 9.22
N PRO A 309 7.92 -24.35 8.71
CA PRO A 309 7.94 -23.98 7.31
C PRO A 309 9.07 -23.00 6.99
N TYR A 310 9.46 -22.18 7.98
CA TYR A 310 10.52 -21.19 7.75
C TYR A 310 11.85 -21.88 7.53
N LEU A 311 12.15 -22.89 8.33
CA LEU A 311 13.40 -23.61 8.18
C LEU A 311 13.44 -24.39 6.86
N ILE A 312 12.33 -25.08 6.56
CA ILE A 312 12.24 -25.90 5.34
C ILE A 312 12.32 -25.01 4.08
N ALA A 313 11.62 -23.88 4.09
CA ALA A 313 11.75 -22.92 3.00
C ALA A 313 13.20 -22.43 2.85
N PHE A 314 13.85 -22.14 3.97
CA PHE A 314 15.24 -21.69 3.91
C PHE A 314 16.14 -22.75 3.26
N LEU A 315 15.92 -24.01 3.59
CA LEU A 315 16.67 -25.11 2.96
C LEU A 315 16.47 -25.11 1.45
N VAL A 316 15.24 -24.91 1.00
CA VAL A 316 14.98 -24.91 -0.45
C VAL A 316 15.76 -23.76 -1.10
N ASP A 317 15.74 -22.60 -0.46
CA ASP A 317 16.45 -21.41 -0.94
C ASP A 317 17.95 -21.69 -1.06
N ILE A 318 18.50 -22.43 -0.09
CA ILE A 318 19.91 -22.81 -0.15
C ILE A 318 20.15 -23.76 -1.32
N TYR A 319 19.32 -24.79 -1.41
CA TYR A 319 19.42 -25.75 -2.50
C TYR A 319 19.30 -25.06 -3.87
N GLU A 320 18.35 -24.13 -4.00
CA GLU A 320 18.21 -23.39 -5.26
C GLU A 320 19.53 -22.73 -5.66
N ASP A 321 20.16 -22.06 -4.69
CA ASP A 321 21.40 -21.34 -4.99
C ASP A 321 22.56 -22.30 -5.26
N MET A 322 22.60 -23.40 -4.53
CA MET A 322 23.61 -24.43 -4.78
C MET A 322 23.55 -24.92 -6.22
N LEU A 323 22.34 -25.20 -6.68
CA LEU A 323 22.19 -25.76 -8.03
C LEU A 323 22.61 -24.73 -9.07
N GLU A 324 22.49 -23.46 -8.72
CA GLU A 324 22.79 -22.36 -9.61
C GLU A 324 24.30 -22.16 -9.72
N ASN A 325 25.03 -22.80 -8.83
CA ASN A 325 26.46 -22.58 -8.74
C ASN A 325 27.29 -23.85 -8.90
N GLN A 326 26.75 -24.81 -9.64
CA GLN A 326 27.53 -25.99 -9.99
C GLN A 326 27.96 -26.74 -8.74
N CYS A 327 27.02 -27.01 -7.85
CA CYS A 327 27.36 -27.76 -6.66
C CYS A 327 27.72 -29.20 -7.03
N ASP A 328 28.43 -29.85 -6.12
CA ASP A 328 28.73 -31.27 -6.22
C ASP A 328 27.44 -32.02 -5.92
N ASN A 329 27.24 -33.17 -6.55
CA ASN A 329 26.07 -34.00 -6.23
C ASN A 329 24.78 -33.29 -6.60
N LYS A 330 24.74 -32.72 -7.79
CA LYS A 330 23.59 -31.96 -8.24
C LYS A 330 22.30 -32.78 -8.28
N GLU A 331 22.37 -34.03 -8.76
CA GLU A 331 21.16 -34.85 -8.80
C GLU A 331 20.58 -35.02 -7.40
N ASP A 332 21.45 -35.22 -6.42
CA ASP A 332 21.03 -35.45 -5.06
C ASP A 332 20.37 -34.20 -4.48
N ILE A 333 20.98 -33.04 -4.74
CA ILE A 333 20.50 -31.78 -4.21
C ILE A 333 19.17 -31.42 -4.86
N LEU A 334 19.07 -31.65 -6.17
CA LEU A 334 17.80 -31.43 -6.86
C LEU A 334 16.71 -32.32 -6.26
N ASN A 335 17.03 -33.58 -6.03
CA ASN A 335 16.03 -34.47 -5.48
C ASN A 335 15.56 -33.98 -4.11
N LYS A 336 16.50 -33.56 -3.28
CA LYS A 336 16.15 -33.09 -1.95
C LYS A 336 15.29 -31.83 -2.04
N ALA A 337 15.62 -30.94 -2.96
CA ALA A 337 14.86 -29.69 -3.10
C ALA A 337 13.42 -29.97 -3.54
N LEU A 338 13.26 -30.91 -4.47
CA LEU A 338 11.91 -31.22 -4.97
C LEU A 338 11.07 -31.89 -3.89
N GLU A 339 11.71 -32.72 -3.07
CA GLU A 339 11.01 -33.35 -1.96
C GLU A 339 10.50 -32.30 -0.97
N LEU A 340 11.34 -31.32 -0.65
CA LEU A 340 10.92 -30.25 0.25
C LEU A 340 9.83 -29.37 -0.36
N CYS A 341 9.92 -29.08 -1.66
CA CYS A 341 8.86 -28.30 -2.31
C CYS A 341 7.51 -29.01 -2.18
N GLU A 342 7.53 -30.33 -2.31
CA GLU A 342 6.32 -31.12 -2.21
C GLU A 342 5.78 -31.09 -0.78
N ILE A 343 6.67 -31.24 0.18
CA ILE A 343 6.28 -31.18 1.59
C ILE A 343 5.70 -29.81 1.95
N LEU A 344 6.31 -28.76 1.43
CA LEU A 344 5.78 -27.43 1.65
C LEU A 344 4.40 -27.28 1.00
N ALA A 345 4.28 -27.73 -0.24
CA ALA A 345 3.03 -27.50 -0.98
C ALA A 345 1.86 -28.30 -0.40
N LYS A 346 2.17 -29.50 0.09
CA LYS A 346 1.11 -30.44 0.49
C LYS A 346 0.80 -30.39 1.98
N GLU A 347 1.79 -30.07 2.80
CA GLU A 347 1.65 -30.20 4.25
C GLU A 347 2.01 -28.96 5.07
N LYS A 348 3.22 -28.45 4.87
CA LYS A 348 3.81 -27.51 5.80
C LYS A 348 3.55 -26.04 5.47
N ASP A 349 3.22 -25.75 4.21
CA ASP A 349 3.03 -24.37 3.82
C ASP A 349 2.01 -24.31 2.69
N THR A 350 0.85 -24.93 2.89
CA THR A 350 -0.12 -25.12 1.82
C THR A 350 -0.74 -23.82 1.30
N ILE A 351 -0.71 -22.76 2.09
CA ILE A 351 -1.21 -21.47 1.60
C ILE A 351 -0.40 -21.05 0.36
N ARG A 352 0.85 -21.51 0.30
CA ARG A 352 1.74 -21.16 -0.81
C ARG A 352 1.96 -22.33 -1.78
N LYS A 353 0.99 -23.25 -1.84
CA LYS A 353 1.06 -24.39 -2.77
C LYS A 353 1.43 -23.95 -4.19
N GLU A 354 0.78 -22.90 -4.70
CA GLU A 354 1.11 -22.48 -6.08
C GLU A 354 2.55 -22.01 -6.24
N TYR A 355 3.05 -21.25 -5.26
CA TYR A 355 4.43 -20.82 -5.29
C TYR A 355 5.39 -22.02 -5.24
N TRP A 356 5.16 -22.93 -4.29
CA TRP A 356 6.07 -24.08 -4.15
C TRP A 356 6.06 -25.02 -5.35
N ARG A 357 4.88 -25.18 -5.98
CA ARG A 357 4.80 -25.96 -7.21
C ARG A 357 5.59 -25.27 -8.32
N TYR A 358 5.49 -23.95 -8.38
CA TYR A 358 6.26 -23.17 -9.33
C TYR A 358 7.76 -23.35 -9.11
N ILE A 359 8.19 -23.30 -7.86
CA ILE A 359 9.61 -23.46 -7.57
C ILE A 359 10.05 -24.85 -8.02
N GLY A 360 9.24 -25.86 -7.77
CA GLY A 360 9.60 -27.23 -8.20
C GLY A 360 9.76 -27.33 -9.71
N ARG A 361 8.82 -26.76 -10.46
CA ARG A 361 8.93 -26.77 -11.91
C ARG A 361 10.14 -25.95 -12.36
N SER A 362 10.38 -24.83 -11.68
CA SER A 362 11.50 -23.96 -12.04
C SER A 362 12.84 -24.68 -11.86
N LEU A 363 13.00 -25.34 -10.72
CA LEU A 363 14.17 -26.16 -10.48
C LEU A 363 14.40 -27.19 -11.59
N GLN A 364 13.34 -27.85 -12.02
CA GLN A 364 13.46 -28.88 -13.04
C GLN A 364 13.81 -28.29 -14.41
N SER A 365 13.33 -27.08 -14.67
CA SER A 365 13.59 -26.43 -15.95
C SER A 365 15.05 -25.99 -16.05
N LYS A 366 15.64 -25.71 -14.89
CA LYS A 366 17.01 -25.22 -14.84
C LYS A 366 18.09 -26.28 -14.60
N HIS A 367 17.75 -27.39 -13.96
CA HIS A 367 18.80 -28.31 -13.46
C HIS A 367 18.59 -29.81 -13.68
N SER A 368 17.66 -30.18 -14.54
CA SER A 368 17.39 -31.62 -14.71
C SER A 368 18.45 -32.39 -15.51
N THR A 369 18.93 -31.81 -16.61
CA THR A 369 20.03 -32.45 -17.34
C THR A 369 19.65 -33.83 -17.89
N SER B 15 -17.65 -36.18 -5.69
CA SER B 15 -17.86 -34.73 -5.44
C SER B 15 -19.09 -34.48 -4.58
N SER B 16 -19.50 -33.22 -4.48
CA SER B 16 -20.59 -32.86 -3.60
C SER B 16 -21.80 -32.39 -4.39
N PRO B 17 -22.97 -32.38 -3.74
CA PRO B 17 -24.15 -31.76 -4.34
C PRO B 17 -23.88 -30.29 -4.60
N VAL B 18 -24.62 -29.68 -5.53
CA VAL B 18 -24.33 -28.29 -5.93
C VAL B 18 -24.55 -27.32 -4.78
N TRP B 19 -25.25 -27.75 -3.74
CA TRP B 19 -25.66 -26.84 -2.68
C TRP B 19 -24.74 -26.89 -1.47
N SER B 20 -23.66 -27.67 -1.57
CA SER B 20 -22.64 -27.65 -0.54
C SER B 20 -21.29 -27.53 -1.23
N GLU B 21 -20.46 -26.64 -0.72
CA GLU B 21 -19.15 -26.43 -1.32
C GLU B 21 -18.11 -26.39 -0.20
N PRO B 22 -17.30 -27.45 -0.08
CA PRO B 22 -16.26 -27.49 0.94
C PRO B 22 -15.27 -26.32 0.80
N LEU B 23 -14.81 -25.81 1.94
CA LEU B 23 -13.95 -24.62 1.97
C LEU B 23 -12.59 -24.96 2.59
N TYR B 24 -11.55 -24.35 2.06
CA TYR B 24 -10.19 -24.56 2.55
C TYR B 24 -10.06 -24.18 4.03
N SER B 25 -10.66 -23.05 4.40
CA SER B 25 -10.54 -22.55 5.77
C SER B 25 -11.30 -23.39 6.78
N LEU B 26 -12.12 -24.31 6.30
CA LEU B 26 -12.91 -25.19 7.18
C LEU B 26 -12.39 -26.63 7.26
N ARG B 27 -11.30 -26.92 6.55
CA ARG B 27 -10.72 -28.26 6.60
C ARG B 27 -10.23 -28.49 8.03
N PRO B 28 -10.31 -29.74 8.53
CA PRO B 28 -9.86 -29.97 9.89
C PRO B 28 -8.38 -29.62 10.08
N GLU B 29 -7.56 -29.84 9.05
CA GLU B 29 -6.14 -29.56 9.18
C GLU B 29 -5.89 -28.06 9.23
N HIS B 30 -6.89 -27.26 8.89
CA HIS B 30 -6.68 -25.83 8.91
C HIS B 30 -6.35 -25.31 10.31
N ALA B 31 -6.86 -25.98 11.35
CA ALA B 31 -6.51 -25.58 12.72
C ALA B 31 -5.01 -25.61 13.01
N ARG B 32 -4.27 -26.43 12.27
CA ARG B 32 -2.83 -26.49 12.46
C ARG B 32 -2.14 -25.19 12.06
N GLU B 33 -2.87 -24.31 11.38
CA GLU B 33 -2.28 -23.09 10.83
C GLU B 33 -2.35 -21.93 11.82
N ARG B 34 -2.93 -22.18 13.00
CA ARG B 34 -3.00 -21.16 14.04
C ARG B 34 -1.59 -20.77 14.48
N LEU B 35 -1.46 -19.54 14.95
CA LEU B 35 -0.16 -19.02 15.37
C LEU B 35 0.55 -19.90 16.39
N GLN B 36 1.84 -20.15 16.18
CA GLN B 36 2.67 -20.76 17.21
C GLN B 36 3.57 -19.68 17.76
N ASP B 37 3.32 -19.24 18.99
CA ASP B 37 4.08 -18.14 19.56
C ASP B 37 5.32 -18.58 20.33
N ASP B 38 5.60 -19.88 20.30
CA ASP B 38 6.80 -20.43 20.94
C ASP B 38 6.85 -20.13 22.42
N SER B 39 5.69 -19.87 23.01
CA SER B 39 5.58 -19.48 24.41
C SER B 39 6.32 -18.18 24.71
N VAL B 40 6.53 -17.35 23.68
CA VAL B 40 7.14 -16.05 23.90
C VAL B 40 6.17 -14.98 23.40
N GLU B 41 5.49 -14.33 24.33
CA GLU B 41 4.47 -13.35 23.98
C GLU B 41 5.08 -11.96 23.80
N THR B 42 4.76 -11.33 22.68
CA THR B 42 5.08 -9.93 22.48
C THR B 42 3.82 -9.26 21.97
N VAL B 43 3.84 -7.94 21.86
CA VAL B 43 2.68 -7.21 21.39
C VAL B 43 2.21 -7.78 20.06
N THR B 44 3.16 -8.10 19.19
CA THR B 44 2.81 -8.63 17.86
C THR B 44 2.00 -9.91 17.93
N SER B 45 2.49 -10.88 18.72
CA SER B 45 1.81 -12.18 18.79
C SER B 45 0.47 -12.08 19.50
N ILE B 46 0.38 -11.24 20.53
CA ILE B 46 -0.87 -11.07 21.24
C ILE B 46 -1.94 -10.54 20.29
N GLU B 47 -1.57 -9.55 19.48
CA GLU B 47 -2.53 -8.95 18.55
C GLU B 47 -2.93 -9.94 17.46
N GLN B 48 -1.96 -10.68 16.94
CA GLN B 48 -2.22 -11.68 15.91
C GLN B 48 -3.14 -12.78 16.45
N ALA B 49 -2.89 -13.26 17.66
CA ALA B 49 -3.74 -14.29 18.25
C ALA B 49 -5.18 -13.80 18.44
N LYS B 50 -5.35 -12.55 18.83
CA LYS B 50 -6.70 -11.99 19.00
C LYS B 50 -7.47 -12.02 17.69
N VAL B 51 -6.81 -11.62 16.60
CA VAL B 51 -7.46 -11.65 15.29
C VAL B 51 -7.81 -13.10 14.90
N GLU B 52 -6.87 -14.01 15.08
CA GLU B 52 -7.13 -15.41 14.69
C GLU B 52 -8.31 -15.98 15.46
N GLU B 53 -8.43 -15.64 16.74
CA GLU B 53 -9.53 -16.16 17.52
C GLU B 53 -10.88 -15.69 16.94
N LYS B 54 -10.97 -14.39 16.64
CA LYS B 54 -12.18 -13.84 16.05
C LYS B 54 -12.49 -14.47 14.69
N ILE B 55 -11.47 -14.59 13.85
CA ILE B 55 -11.64 -15.15 12.51
C ILE B 55 -12.07 -16.61 12.57
N GLN B 56 -11.51 -17.39 13.50
CA GLN B 56 -11.97 -18.77 13.64
C GLN B 56 -13.47 -18.82 13.97
N GLU B 57 -13.92 -17.93 14.85
CA GLU B 57 -15.34 -17.86 15.19
C GLU B 57 -16.17 -17.57 13.94
N VAL B 58 -15.70 -16.64 13.13
CA VAL B 58 -16.37 -16.33 11.88
C VAL B 58 -16.42 -17.53 10.93
N PHE B 59 -15.27 -18.15 10.67
CA PHE B 59 -15.22 -19.32 9.78
C PHE B 59 -16.22 -20.38 10.26
N SER B 60 -16.22 -20.66 11.55
CA SER B 60 -17.09 -21.69 12.10
C SER B 60 -18.57 -21.41 11.86
N SER B 61 -18.93 -20.14 11.75
CA SER B 61 -20.33 -19.75 11.57
C SER B 61 -20.84 -20.11 10.17
N TYR B 62 -19.94 -20.49 9.27
CA TYR B 62 -20.31 -20.83 7.89
C TYR B 62 -20.33 -22.34 7.66
N LYS B 63 -20.08 -23.10 8.73
CA LYS B 63 -20.02 -24.56 8.66
C LYS B 63 -21.10 -25.14 9.53
N PHE B 64 -21.82 -26.13 9.00
CA PHE B 64 -22.86 -26.82 9.76
C PHE B 64 -22.58 -28.30 9.62
N ASN B 65 -21.60 -28.76 10.38
CA ASN B 65 -21.07 -30.09 10.17
C ASN B 65 -20.74 -30.29 8.70
N HIS B 66 -21.33 -31.30 8.04
CA HIS B 66 -20.94 -31.61 6.64
C HIS B 66 -21.66 -30.72 5.63
N LEU B 67 -22.60 -29.91 6.12
CA LEU B 67 -23.29 -28.95 5.25
C LEU B 67 -22.53 -27.63 5.23
N VAL B 68 -22.05 -27.23 4.06
CA VAL B 68 -21.33 -25.97 3.93
C VAL B 68 -21.93 -25.16 2.79
N PRO B 69 -22.96 -24.36 3.09
CA PRO B 69 -23.66 -23.63 2.02
C PRO B 69 -22.72 -22.73 1.23
N ARG B 70 -23.03 -22.52 -0.05
CA ARG B 70 -22.21 -21.67 -0.90
C ARG B 70 -22.15 -20.24 -0.33
N LEU B 71 -20.98 -19.63 -0.42
CA LEU B 71 -20.79 -18.26 0.03
C LEU B 71 -21.44 -17.28 -0.93
N VAL B 72 -21.92 -16.17 -0.40
CA VAL B 72 -22.63 -15.16 -1.20
C VAL B 72 -22.05 -13.76 -1.02
N LEU B 73 -21.65 -13.17 -2.14
CA LEU B 73 -21.32 -11.74 -2.19
C LEU B 73 -22.65 -10.98 -2.19
N GLN B 74 -22.85 -10.13 -1.19
CA GLN B 74 -24.11 -9.42 -1.03
C GLN B 74 -24.19 -8.20 -1.95
N ARG B 75 -24.22 -8.48 -3.26
CA ARG B 75 -24.16 -7.45 -4.31
C ARG B 75 -25.17 -6.33 -4.13
N GLU B 76 -26.41 -6.70 -3.86
CA GLU B 76 -27.45 -5.68 -3.74
C GLU B 76 -27.24 -4.75 -2.56
N LYS B 77 -26.78 -5.28 -1.43
CA LYS B 77 -26.47 -4.42 -0.29
C LYS B 77 -25.29 -3.49 -0.61
N HIS B 78 -24.26 -4.04 -1.23
CA HIS B 78 -23.12 -3.21 -1.62
C HIS B 78 -23.55 -2.12 -2.59
N PHE B 79 -24.37 -2.49 -3.57
CA PHE B 79 -24.85 -1.55 -4.57
C PHE B 79 -25.58 -0.37 -3.91
N HIS B 80 -26.46 -0.66 -2.97
CA HIS B 80 -27.25 0.42 -2.37
C HIS B 80 -26.37 1.39 -1.57
N TYR B 81 -25.39 0.84 -0.87
CA TYR B 81 -24.42 1.63 -0.11
C TYR B 81 -23.61 2.55 -1.05
N LEU B 82 -23.12 1.99 -2.15
CA LEU B 82 -22.37 2.75 -3.15
C LEU B 82 -23.21 3.85 -3.82
N LYS B 83 -24.42 3.50 -4.21
CA LYS B 83 -25.29 4.43 -4.92
C LYS B 83 -25.57 5.66 -4.05
N ARG B 84 -25.80 5.43 -2.77
CA ARG B 84 -26.03 6.52 -1.84
C ARG B 84 -24.79 7.43 -1.70
N GLY B 85 -23.61 6.81 -1.56
CA GLY B 85 -22.39 7.59 -1.35
C GLY B 85 -22.03 8.49 -2.51
N LEU B 86 -22.44 8.11 -3.70
CA LEU B 86 -22.06 8.84 -4.90
C LEU B 86 -22.71 10.23 -4.96
N ARG B 87 -23.82 10.42 -4.27
CA ARG B 87 -24.45 11.75 -4.27
C ARG B 87 -24.07 12.54 -3.04
N GLN B 88 -24.25 11.95 -1.88
CA GLN B 88 -24.25 12.75 -0.67
C GLN B 88 -23.70 12.01 0.53
N LEU B 89 -23.09 12.76 1.44
CA LEU B 89 -22.41 12.20 2.60
C LEU B 89 -22.60 13.12 3.82
N THR B 90 -22.66 12.55 5.02
CA THR B 90 -22.80 13.37 6.22
C THR B 90 -21.47 14.03 6.58
N ASP B 91 -21.49 14.92 7.59
CA ASP B 91 -20.28 15.59 8.03
C ASP B 91 -19.24 14.65 8.61
N ALA B 92 -19.61 13.38 8.76
CA ALA B 92 -18.64 12.38 9.17
C ALA B 92 -17.56 12.21 8.12
N TYR B 93 -17.82 12.69 6.90
CA TYR B 93 -16.87 12.54 5.81
C TYR B 93 -16.00 13.80 5.63
N GLU B 94 -16.08 14.71 6.57
CA GLU B 94 -15.25 15.91 6.49
C GLU B 94 -13.77 15.56 6.37
N CYS B 95 -13.37 14.44 6.95
CA CYS B 95 -11.97 14.03 6.89
C CYS B 95 -11.51 13.67 5.48
N LEU B 96 -12.47 13.55 4.55
CA LEU B 96 -12.16 13.25 3.16
C LEU B 96 -12.42 14.44 2.24
N ASP B 97 -12.55 15.62 2.83
CA ASP B 97 -12.85 16.81 2.02
C ASP B 97 -11.75 17.19 1.04
N ALA B 98 -10.54 16.69 1.27
CA ALA B 98 -9.44 16.90 0.34
C ALA B 98 -9.16 15.61 -0.44
N SER B 99 -10.18 14.75 -0.52
CA SER B 99 -10.06 13.46 -1.22
C SER B 99 -11.32 13.14 -2.02
N ARG B 100 -12.02 14.15 -2.53
CA ARG B 100 -13.31 13.83 -3.17
C ARG B 100 -13.18 13.03 -4.46
N PRO B 101 -12.14 13.29 -5.28
CA PRO B 101 -11.98 12.42 -6.45
C PRO B 101 -11.74 10.97 -6.07
N TRP B 102 -11.14 10.73 -4.90
CA TRP B 102 -11.02 9.36 -4.41
C TRP B 102 -12.38 8.72 -4.20
N LEU B 103 -13.29 9.47 -3.60
CA LEU B 103 -14.63 8.94 -3.35
C LEU B 103 -15.27 8.62 -4.69
N CYS B 104 -15.08 9.48 -5.68
CA CYS B 104 -15.61 9.19 -7.02
C CYS B 104 -15.05 7.88 -7.57
N TYR B 105 -13.73 7.74 -7.50
CA TYR B 105 -13.06 6.56 -8.04
C TYR B 105 -13.41 5.28 -7.27
N TRP B 106 -13.33 5.33 -5.95
CA TRP B 106 -13.61 4.13 -5.16
C TRP B 106 -15.04 3.64 -5.45
N ILE B 107 -15.99 4.58 -5.49
CA ILE B 107 -17.38 4.20 -5.72
C ILE B 107 -17.65 3.72 -7.14
N LEU B 108 -17.18 4.48 -8.13
CA LEU B 108 -17.36 4.09 -9.53
C LEU B 108 -16.68 2.76 -9.86
N HIS B 109 -15.48 2.56 -9.34
CA HIS B 109 -14.79 1.30 -9.62
C HIS B 109 -15.51 0.10 -8.95
N SER B 110 -16.03 0.32 -7.75
CA SER B 110 -16.81 -0.73 -7.08
C SER B 110 -18.06 -1.07 -7.91
N LEU B 111 -18.75 -0.05 -8.40
CA LEU B 111 -19.94 -0.27 -9.23
C LEU B 111 -19.57 -1.00 -10.50
N GLU B 112 -18.45 -0.60 -11.08
CA GLU B 112 -17.94 -1.24 -12.28
C GLU B 112 -17.68 -2.74 -12.03
N LEU B 113 -17.00 -3.05 -10.94
CA LEU B 113 -16.70 -4.45 -10.61
C LEU B 113 -18.00 -5.26 -10.44
N LEU B 114 -19.01 -4.62 -9.87
CA LEU B 114 -20.28 -5.26 -9.57
C LEU B 114 -21.20 -5.29 -10.79
N ASP B 115 -20.72 -4.75 -11.91
CA ASP B 115 -21.49 -4.69 -13.15
C ASP B 115 -22.79 -3.92 -12.96
N GLU B 116 -22.75 -2.85 -12.18
CA GLU B 116 -23.93 -2.00 -12.00
C GLU B 116 -23.80 -0.78 -12.90
N PRO B 117 -24.78 -0.58 -13.79
CA PRO B 117 -24.65 0.51 -14.76
C PRO B 117 -24.61 1.87 -14.06
N ILE B 118 -23.90 2.80 -14.67
CA ILE B 118 -23.86 4.18 -14.19
C ILE B 118 -24.80 4.98 -15.05
N PRO B 119 -25.89 5.49 -14.47
CA PRO B 119 -26.84 6.27 -15.26
C PRO B 119 -26.17 7.47 -15.94
N GLN B 120 -26.59 7.81 -17.15
CA GLN B 120 -25.95 8.89 -17.92
C GLN B 120 -25.90 10.20 -17.14
N ILE B 121 -26.95 10.49 -16.39
CA ILE B 121 -27.02 11.73 -15.63
C ILE B 121 -25.96 11.76 -14.52
N VAL B 122 -25.80 10.63 -13.82
CA VAL B 122 -24.78 10.50 -12.80
C VAL B 122 -23.40 10.66 -13.44
N ALA B 123 -23.19 10.00 -14.57
CA ALA B 123 -21.90 10.08 -15.26
C ALA B 123 -21.58 11.54 -15.62
N THR B 124 -22.55 12.25 -16.18
CA THR B 124 -22.31 13.65 -16.54
C THR B 124 -22.01 14.50 -15.30
N ASP B 125 -22.74 14.27 -14.23
CA ASP B 125 -22.52 15.01 -13.00
C ASP B 125 -21.12 14.74 -12.43
N VAL B 126 -20.64 13.51 -12.52
CA VAL B 126 -19.28 13.22 -12.06
C VAL B 126 -18.25 13.96 -12.91
N CYS B 127 -18.42 13.93 -14.23
CA CYS B 127 -17.52 14.66 -15.11
C CYS B 127 -17.48 16.13 -14.73
N GLN B 128 -18.65 16.71 -14.49
CA GLN B 128 -18.72 18.14 -14.19
C GLN B 128 -17.99 18.46 -12.89
N PHE B 129 -18.18 17.62 -11.89
CA PHE B 129 -17.51 17.81 -10.62
C PHE B 129 -16.00 17.68 -10.77
N LEU B 130 -15.54 16.64 -11.48
CA LEU B 130 -14.10 16.47 -11.63
C LEU B 130 -13.48 17.64 -12.41
N GLU B 131 -14.25 18.21 -13.34
CA GLU B 131 -13.76 19.42 -14.04
C GLU B 131 -13.51 20.55 -13.03
N LEU B 132 -14.40 20.69 -12.04
CA LEU B 132 -14.24 21.70 -11.02
C LEU B 132 -13.03 21.44 -10.13
N CYS B 133 -12.59 20.18 -10.03
CA CYS B 133 -11.42 19.83 -9.20
C CYS B 133 -10.12 20.02 -9.98
N GLN B 134 -10.22 20.19 -11.28
CA GLN B 134 -9.01 20.32 -12.09
C GLN B 134 -8.40 21.69 -11.89
N SER B 135 -7.08 21.71 -11.71
CA SER B 135 -6.38 22.96 -11.43
C SER B 135 -5.97 23.64 -12.73
N PRO B 136 -5.96 24.97 -12.73
CA PRO B 136 -5.47 25.69 -13.90
C PRO B 136 -4.01 25.34 -14.19
N GLU B 137 -3.26 24.91 -13.17
CA GLU B 137 -1.84 24.57 -13.39
C GLU B 137 -1.65 23.14 -13.92
N GLY B 138 -2.75 22.42 -14.11
CA GLY B 138 -2.70 21.02 -14.50
C GLY B 138 -2.91 20.12 -13.30
N GLY B 139 -3.38 18.89 -13.56
CA GLY B 139 -3.64 17.95 -12.48
C GLY B 139 -4.97 18.27 -11.80
N PHE B 140 -5.34 17.43 -10.84
CA PHE B 140 -6.60 17.61 -10.10
C PHE B 140 -6.29 17.70 -8.62
N GLY B 141 -7.10 18.49 -7.90
CA GLY B 141 -7.01 18.56 -6.45
C GLY B 141 -8.11 17.78 -5.76
N GLY B 142 -8.10 17.83 -4.43
CA GLY B 142 -9.01 17.03 -3.60
C GLY B 142 -10.43 17.55 -3.57
N GLY B 143 -10.64 18.73 -4.15
CA GLY B 143 -11.95 19.35 -4.23
C GLY B 143 -11.81 20.64 -5.01
N PRO B 144 -12.94 21.30 -5.31
CA PRO B 144 -12.87 22.49 -6.15
C PRO B 144 -12.01 23.58 -5.51
N GLY B 145 -11.08 24.12 -6.30
CA GLY B 145 -10.21 25.19 -5.83
C GLY B 145 -9.00 24.75 -5.02
N GLN B 146 -8.89 23.45 -4.78
CA GLN B 146 -7.73 22.96 -4.05
C GLN B 146 -6.54 22.84 -5.00
N TYR B 147 -5.33 22.95 -4.46
CA TYR B 147 -4.13 22.75 -5.26
C TYR B 147 -4.14 21.33 -5.83
N PRO B 148 -3.48 21.13 -6.99
CA PRO B 148 -3.43 19.77 -7.51
C PRO B 148 -2.48 18.86 -6.68
N HIS B 149 -2.66 17.55 -6.79
CA HIS B 149 -1.87 16.60 -6.02
C HIS B 149 -1.96 15.31 -6.83
N LEU B 150 -0.87 14.53 -6.86
CA LEU B 150 -0.85 13.34 -7.72
C LEU B 150 -1.90 12.29 -7.37
N ALA B 151 -2.29 12.21 -6.10
CA ALA B 151 -3.24 11.20 -5.68
C ALA B 151 -4.65 11.48 -6.22
N PRO B 152 -5.21 12.67 -5.94
CA PRO B 152 -6.50 12.94 -6.60
C PRO B 152 -6.41 13.04 -8.13
N THR B 153 -5.23 13.35 -8.67
CA THR B 153 -5.05 13.34 -10.12
C THR B 153 -5.23 11.92 -10.65
N TYR B 154 -4.54 10.97 -10.02
CA TYR B 154 -4.71 9.55 -10.34
C TYR B 154 -6.18 9.14 -10.24
N ALA B 155 -6.81 9.47 -9.12
CA ALA B 155 -8.20 9.06 -8.92
C ALA B 155 -9.12 9.67 -9.98
N ALA B 156 -8.95 10.95 -10.25
CA ALA B 156 -9.81 11.64 -11.21
C ALA B 156 -9.67 11.05 -12.59
N VAL B 157 -8.43 10.82 -13.02
CA VAL B 157 -8.19 10.26 -14.34
C VAL B 157 -8.81 8.86 -14.43
N ASN B 158 -8.59 8.04 -13.41
CA ASN B 158 -9.21 6.70 -13.38
C ASN B 158 -10.72 6.75 -13.42
N ALA B 159 -11.31 7.61 -12.61
CA ALA B 159 -12.77 7.77 -12.64
C ALA B 159 -13.32 8.19 -14.01
N LEU B 160 -12.65 9.16 -14.63
CA LEU B 160 -13.02 9.59 -15.98
C LEU B 160 -12.89 8.47 -16.99
N CYS B 161 -11.86 7.65 -16.83
CA CYS B 161 -11.72 6.49 -17.73
C CYS B 161 -12.79 5.41 -17.47
N ILE B 162 -13.21 5.24 -16.22
CA ILE B 162 -14.29 4.30 -15.95
C ILE B 162 -15.59 4.76 -16.64
N ILE B 163 -15.85 6.06 -16.59
CA ILE B 163 -17.02 6.61 -17.29
C ILE B 163 -16.85 6.40 -18.79
N GLY B 164 -15.68 6.79 -19.31
CA GLY B 164 -15.24 6.37 -20.64
C GLY B 164 -15.97 7.01 -21.81
N THR B 165 -16.63 8.12 -21.57
CA THR B 165 -17.28 8.82 -22.67
C THR B 165 -16.30 9.85 -23.23
N GLU B 166 -16.53 10.29 -24.46
CA GLU B 166 -15.74 11.38 -25.00
C GLU B 166 -15.82 12.62 -24.11
N GLU B 167 -17.01 12.87 -23.54
CA GLU B 167 -17.15 13.96 -22.59
C GLU B 167 -16.15 13.82 -21.44
N ALA B 168 -16.08 12.62 -20.87
CA ALA B 168 -15.17 12.36 -19.74
C ALA B 168 -13.70 12.53 -20.15
N TYR B 169 -13.31 11.90 -21.24
CA TYR B 169 -11.92 11.97 -21.70
C TYR B 169 -11.49 13.41 -21.93
N ASP B 170 -12.38 14.22 -22.50
CA ASP B 170 -11.98 15.54 -22.93
C ASP B 170 -11.89 16.55 -21.79
N ILE B 171 -12.41 16.18 -20.62
CA ILE B 171 -12.26 16.99 -19.41
C ILE B 171 -10.77 17.25 -19.17
N ILE B 172 -9.95 16.24 -19.41
CA ILE B 172 -8.55 16.31 -19.00
C ILE B 172 -7.75 17.30 -19.83
N ASN B 173 -7.17 18.28 -19.17
CA ASN B 173 -6.29 19.21 -19.83
C ASN B 173 -4.91 18.56 -19.94
N ARG B 174 -4.63 17.93 -21.07
CA ARG B 174 -3.42 17.13 -21.21
C ARG B 174 -2.15 17.96 -21.26
N GLU B 175 -2.21 19.12 -21.93
CA GLU B 175 -1.05 20.00 -22.01
C GLU B 175 -0.60 20.43 -20.60
N LYS B 176 -1.56 20.86 -19.77
CA LYS B 176 -1.23 21.30 -18.41
C LYS B 176 -0.88 20.11 -17.52
N LEU B 177 -1.53 18.98 -17.75
CA LEU B 177 -1.18 17.79 -16.98
C LEU B 177 0.31 17.46 -17.14
N LEU B 178 0.79 17.44 -18.38
CA LEU B 178 2.18 17.10 -18.62
C LEU B 178 3.11 18.13 -17.97
N GLN B 179 2.76 19.41 -18.09
CA GLN B 179 3.56 20.45 -17.43
C GLN B 179 3.58 20.25 -15.92
N TYR B 180 2.42 19.93 -15.36
CA TYR B 180 2.32 19.64 -13.94
C TYR B 180 3.25 18.47 -13.54
N LEU B 181 3.23 17.37 -14.30
CA LEU B 181 4.15 16.27 -13.96
C LEU B 181 5.62 16.74 -13.99
N TYR B 182 5.98 17.52 -15.01
CA TYR B 182 7.34 18.06 -15.08
C TYR B 182 7.66 18.86 -13.81
N SER B 183 6.67 19.63 -13.35
CA SER B 183 6.87 20.52 -12.22
C SER B 183 7.10 19.76 -10.89
N LEU B 184 6.88 18.45 -10.92
CA LEU B 184 7.06 17.58 -9.75
C LEU B 184 8.28 16.66 -9.87
N LYS B 185 8.88 16.59 -11.05
CA LYS B 185 9.95 15.62 -11.31
C LYS B 185 11.29 16.06 -10.71
N GLN B 186 11.93 15.18 -9.96
CA GLN B 186 13.22 15.44 -9.29
C GLN B 186 14.36 14.85 -10.10
N PRO B 187 15.57 15.40 -9.93
CA PRO B 187 16.71 14.92 -10.71
C PRO B 187 17.05 13.45 -10.45
N ASP B 188 16.72 12.94 -9.27
CA ASP B 188 17.09 11.56 -8.91
C ASP B 188 16.09 10.52 -9.46
N GLY B 189 15.11 10.98 -10.22
CA GLY B 189 14.12 10.09 -10.85
C GLY B 189 12.78 10.07 -10.10
N SER B 190 12.78 10.58 -8.88
CA SER B 190 11.57 10.55 -8.06
C SER B 190 10.64 11.69 -8.43
N PHE B 191 9.42 11.66 -7.91
CA PHE B 191 8.46 12.76 -8.06
C PHE B 191 7.97 13.22 -6.70
N LEU B 192 7.73 14.52 -6.55
CA LEU B 192 6.94 15.02 -5.42
C LEU B 192 5.47 14.61 -5.58
N MET B 193 4.75 14.45 -4.48
CA MET B 193 3.31 14.14 -4.56
C MET B 193 2.54 15.39 -4.95
N HIS B 194 3.10 16.55 -4.61
CA HIS B 194 2.53 17.83 -4.97
C HIS B 194 3.58 18.91 -4.78
N VAL B 195 3.30 20.10 -5.27
CA VAL B 195 4.27 21.17 -5.18
C VAL B 195 4.63 21.42 -3.72
N GLY B 196 5.92 21.40 -3.42
CA GLY B 196 6.40 21.56 -2.06
C GLY B 196 6.08 20.39 -1.14
N GLY B 197 5.67 19.25 -1.72
CA GLY B 197 5.22 18.10 -0.94
C GLY B 197 6.26 17.00 -0.81
N GLU B 198 5.84 15.86 -0.26
CA GLU B 198 6.72 14.77 0.11
C GLU B 198 7.02 13.86 -1.08
N VAL B 199 8.12 13.14 -1.00
CA VAL B 199 8.48 12.17 -2.03
C VAL B 199 8.35 10.76 -1.49
N ASP B 200 7.66 9.89 -2.23
CA ASP B 200 7.73 8.45 -2.03
C ASP B 200 7.23 7.72 -3.29
N VAL B 201 7.24 6.40 -3.29
CA VAL B 201 7.00 5.69 -4.55
C VAL B 201 5.55 5.81 -5.06
N ARG B 202 4.64 6.25 -4.21
CA ARG B 202 3.29 6.56 -4.68
C ARG B 202 3.34 7.49 -5.89
N SER B 203 4.20 8.50 -5.86
CA SER B 203 4.17 9.54 -6.89
C SER B 203 4.58 8.98 -8.24
N ALA B 204 5.55 8.07 -8.23
CA ALA B 204 6.01 7.45 -9.48
C ALA B 204 4.87 6.69 -10.14
N TYR B 205 4.10 5.95 -9.33
CA TYR B 205 2.96 5.21 -9.87
C TYR B 205 1.84 6.15 -10.35
N CYS B 206 1.50 7.14 -9.53
CA CYS B 206 0.45 8.08 -9.96
C CYS B 206 0.84 8.71 -11.29
N ALA B 207 2.07 9.21 -11.37
CA ALA B 207 2.55 9.87 -12.60
C ALA B 207 2.51 8.91 -13.78
N ALA B 208 3.09 7.72 -13.58
CA ALA B 208 3.15 6.76 -14.70
C ALA B 208 1.76 6.34 -15.16
N SER B 209 0.85 6.15 -14.21
CA SER B 209 -0.51 5.74 -14.53
C SER B 209 -1.21 6.79 -15.38
N VAL B 210 -1.25 8.03 -14.90
CA VAL B 210 -1.99 9.05 -15.65
C VAL B 210 -1.30 9.38 -16.98
N ALA B 211 0.04 9.36 -17.00
CA ALA B 211 0.76 9.71 -18.22
C ALA B 211 0.57 8.66 -19.31
N SER B 212 0.54 7.40 -18.92
CA SER B 212 0.38 6.35 -19.93
C SER B 212 -1.06 6.31 -20.44
N LEU B 213 -2.04 6.42 -19.55
CA LEU B 213 -3.44 6.43 -19.99
C LEU B 213 -3.70 7.56 -20.97
N THR B 214 -3.18 8.74 -20.68
CA THR B 214 -3.51 9.93 -21.49
C THR B 214 -2.54 10.21 -22.62
N ASN B 215 -1.60 9.30 -22.86
CA ASN B 215 -0.60 9.46 -23.92
C ASN B 215 0.18 10.78 -23.81
N ILE B 216 0.79 11.04 -22.65
CA ILE B 216 1.63 12.23 -22.50
C ILE B 216 3.06 11.91 -22.09
N ILE B 217 3.47 10.66 -22.24
CA ILE B 217 4.83 10.28 -21.90
C ILE B 217 5.88 10.81 -22.88
N THR B 218 6.87 11.52 -22.37
CA THR B 218 8.00 11.95 -23.18
C THR B 218 9.20 11.10 -22.79
N PRO B 219 10.25 11.10 -23.63
CA PRO B 219 11.43 10.29 -23.34
C PRO B 219 12.07 10.72 -22.02
N ASP B 220 12.03 12.00 -21.70
CA ASP B 220 12.68 12.52 -20.49
C ASP B 220 11.83 12.47 -19.21
N LEU B 221 10.50 12.40 -19.36
CA LEU B 221 9.61 12.46 -18.20
C LEU B 221 10.04 11.48 -17.09
N PHE B 222 10.34 10.25 -17.48
CA PHE B 222 10.68 9.23 -16.48
C PHE B 222 12.15 8.83 -16.45
N GLU B 223 13.02 9.69 -16.97
CA GLU B 223 14.45 9.45 -16.87
C GLU B 223 14.83 9.26 -15.40
N GLY B 224 15.48 8.14 -15.10
CA GLY B 224 15.96 7.86 -13.75
C GLY B 224 14.92 7.23 -12.83
N THR B 225 13.66 7.24 -13.25
CA THR B 225 12.59 6.79 -12.35
C THR B 225 12.66 5.30 -12.05
N ALA B 226 12.88 4.49 -13.09
CA ALA B 226 13.02 3.06 -12.86
C ALA B 226 14.15 2.73 -11.87
N GLU B 227 15.28 3.40 -12.01
CA GLU B 227 16.41 3.17 -11.12
C GLU B 227 16.08 3.59 -9.69
N TRP B 228 15.36 4.70 -9.55
CA TRP B 228 14.97 5.15 -8.22
C TRP B 228 14.03 4.13 -7.56
N ILE B 229 13.08 3.63 -8.33
CA ILE B 229 12.17 2.62 -7.78
C ILE B 229 12.94 1.40 -7.34
N ALA B 230 13.88 0.94 -8.17
CA ALA B 230 14.67 -0.22 -7.80
C ALA B 230 15.42 -0.01 -6.48
N ARG B 231 15.89 1.21 -6.23
CA ARG B 231 16.55 1.52 -4.94
C ARG B 231 15.59 1.36 -3.76
N CYS B 232 14.29 1.42 -4.01
CA CYS B 232 13.30 1.22 -2.95
C CYS B 232 13.05 -0.26 -2.62
N GLN B 233 13.48 -1.16 -3.49
CA GLN B 233 13.35 -2.57 -3.12
C GLN B 233 14.37 -2.81 -2.03
N ASN B 234 13.99 -3.52 -0.97
CA ASN B 234 14.90 -3.72 0.16
C ASN B 234 15.29 -5.18 0.36
N TRP B 235 15.98 -5.44 1.47
CA TRP B 235 16.50 -6.78 1.77
C TRP B 235 15.41 -7.82 1.87
N GLU B 236 14.19 -7.40 2.17
CA GLU B 236 13.07 -8.35 2.31
C GLU B 236 12.56 -8.83 0.96
N GLY B 237 12.78 -8.03 -0.07
CA GLY B 237 12.37 -8.35 -1.46
C GLY B 237 11.18 -7.51 -1.92
N GLY B 238 10.41 -6.99 -0.96
CA GLY B 238 9.36 -6.03 -1.29
C GLY B 238 9.95 -4.63 -1.43
N ILE B 239 9.08 -3.64 -1.56
CA ILE B 239 9.50 -2.26 -1.84
C ILE B 239 9.00 -1.31 -0.73
N GLY B 240 9.87 -0.41 -0.27
CA GLY B 240 9.48 0.57 0.74
C GLY B 240 9.11 1.89 0.10
N GLY B 241 8.60 2.83 0.89
CA GLY B 241 8.17 4.11 0.33
C GLY B 241 9.30 4.92 -0.28
N VAL B 242 10.50 4.81 0.33
CA VAL B 242 11.71 5.44 -0.16
C VAL B 242 12.86 4.49 0.16
N PRO B 243 14.02 4.70 -0.47
CA PRO B 243 15.13 3.78 -0.22
C PRO B 243 15.46 3.70 1.25
N GLY B 244 15.69 2.49 1.74
CA GLY B 244 15.96 2.24 3.15
C GLY B 244 14.77 1.74 3.94
N MET B 245 13.56 2.04 3.48
CA MET B 245 12.39 1.74 4.27
C MET B 245 11.85 0.31 4.12
N GLU B 246 11.12 -0.11 5.14
CA GLU B 246 10.53 -1.43 5.25
C GLU B 246 9.60 -1.74 4.08
N ALA B 247 9.64 -2.99 3.63
CA ALA B 247 8.80 -3.44 2.52
C ALA B 247 7.33 -3.40 2.94
N HIS B 248 6.49 -2.87 2.04
CA HIS B 248 5.12 -2.53 2.37
C HIS B 248 4.29 -2.80 1.11
N GLY B 249 3.21 -3.56 1.25
CA GLY B 249 2.43 -3.98 0.09
C GLY B 249 1.92 -2.84 -0.78
N GLY B 250 1.52 -1.74 -0.16
CA GLY B 250 1.00 -0.60 -0.95
C GLY B 250 2.09 0.03 -1.82
N TYR B 251 3.25 0.27 -1.23
CA TYR B 251 4.35 0.86 -1.96
C TYR B 251 4.92 -0.13 -2.94
N THR B 252 4.85 -1.42 -2.61
CA THR B 252 5.29 -2.45 -3.55
C THR B 252 4.40 -2.52 -4.80
N PHE B 253 3.09 -2.52 -4.60
CA PHE B 253 2.19 -2.40 -5.73
C PHE B 253 2.55 -1.17 -6.58
N CYS B 254 2.68 -0.02 -5.94
CA CYS B 254 3.05 1.21 -6.67
C CYS B 254 4.33 1.01 -7.48
N GLY B 255 5.36 0.48 -6.84
CA GLY B 255 6.67 0.33 -7.49
C GLY B 255 6.61 -0.61 -8.69
N LEU B 256 6.05 -1.79 -8.49
CA LEU B 256 6.03 -2.77 -9.57
C LEU B 256 5.10 -2.32 -10.69
N ALA B 257 3.95 -1.78 -10.34
CA ALA B 257 3.03 -1.32 -11.38
C ALA B 257 3.65 -0.20 -12.22
N ALA B 258 4.35 0.73 -11.58
CA ALA B 258 5.01 1.80 -12.32
C ALA B 258 6.06 1.21 -13.27
N LEU B 259 6.83 0.26 -12.77
CA LEU B 259 7.85 -0.36 -13.62
C LEU B 259 7.24 -1.14 -14.78
N VAL B 260 6.10 -1.79 -14.57
CA VAL B 260 5.40 -2.44 -15.68
C VAL B 260 5.01 -1.43 -16.78
N ILE B 261 4.47 -0.29 -16.38
CA ILE B 261 4.13 0.76 -17.34
C ILE B 261 5.38 1.22 -18.11
N LEU B 262 6.48 1.35 -17.39
CA LEU B 262 7.73 1.82 -17.97
C LEU B 262 8.49 0.72 -18.72
N LYS B 263 7.97 -0.51 -18.64
CA LYS B 263 8.60 -1.69 -19.23
C LYS B 263 10.01 -1.91 -18.68
N ARG B 264 10.17 -1.68 -17.38
CA ARG B 264 11.46 -1.81 -16.72
C ARG B 264 11.40 -2.75 -15.51
N GLU B 265 10.47 -3.72 -15.54
CA GLU B 265 10.32 -4.66 -14.41
C GLU B 265 11.62 -5.36 -14.06
N ARG B 266 12.45 -5.58 -15.07
CA ARG B 266 13.71 -6.28 -14.88
C ARG B 266 14.73 -5.53 -14.05
N SER B 267 14.43 -4.26 -13.76
CA SER B 267 15.25 -3.49 -12.84
C SER B 267 15.20 -4.05 -11.41
N LEU B 268 14.16 -4.81 -11.10
CA LEU B 268 14.02 -5.42 -9.77
C LEU B 268 14.58 -6.83 -9.71
N ASN B 269 14.82 -7.29 -8.50
CA ASN B 269 15.06 -8.71 -8.26
C ASN B 269 13.68 -9.32 -8.15
N LEU B 270 13.23 -9.97 -9.22
CA LEU B 270 11.85 -10.47 -9.22
C LEU B 270 11.71 -11.74 -8.37
N LYS B 271 12.80 -12.48 -8.22
CA LYS B 271 12.82 -13.64 -7.34
C LYS B 271 12.52 -13.27 -5.87
N SER B 272 13.24 -12.29 -5.36
CA SER B 272 13.04 -11.91 -3.97
C SER B 272 11.68 -11.23 -3.79
N LEU B 273 11.22 -10.52 -4.82
CA LEU B 273 9.90 -9.87 -4.75
C LEU B 273 8.79 -10.91 -4.67
N LEU B 274 8.87 -11.89 -5.56
CA LEU B 274 7.89 -12.97 -5.60
C LEU B 274 7.84 -13.72 -4.27
N GLN B 275 9.00 -14.06 -3.74
CA GLN B 275 9.01 -14.77 -2.48
C GLN B 275 8.44 -13.93 -1.33
N TRP B 276 8.76 -12.63 -1.33
CA TRP B 276 8.19 -11.72 -0.33
C TRP B 276 6.68 -11.60 -0.42
N VAL B 277 6.13 -11.33 -1.62
CA VAL B 277 4.68 -11.14 -1.67
C VAL B 277 3.89 -12.41 -1.33
N THR B 278 4.35 -13.54 -1.82
CA THR B 278 3.62 -14.77 -1.53
C THR B 278 3.64 -15.08 -0.03
N SER B 279 4.71 -14.64 0.65
CA SER B 279 4.82 -14.80 2.09
C SER B 279 3.84 -13.95 2.87
N ARG B 280 3.28 -12.93 2.21
CA ARG B 280 2.36 -12.00 2.88
C ARG B 280 0.93 -12.52 2.96
N GLN B 281 0.64 -13.64 2.31
CA GLN B 281 -0.66 -14.27 2.50
C GLN B 281 -0.66 -15.02 3.84
N MET B 282 -1.68 -14.79 4.65
CA MET B 282 -1.71 -15.34 6.00
C MET B 282 -2.20 -16.78 5.99
N ARG B 283 -1.41 -17.69 6.54
CA ARG B 283 -1.76 -19.11 6.48
C ARG B 283 -3.10 -19.40 7.12
N PHE B 284 -3.43 -18.68 8.20
CA PHE B 284 -4.71 -18.94 8.85
C PHE B 284 -5.89 -18.16 8.24
N GLU B 285 -5.76 -16.84 8.17
CA GLU B 285 -6.87 -15.99 7.74
C GLU B 285 -7.18 -16.11 6.25
N GLY B 286 -6.14 -16.35 5.44
CA GLY B 286 -6.29 -16.47 3.98
C GLY B 286 -6.18 -15.13 3.26
N GLY B 287 -6.36 -14.04 3.99
CA GLY B 287 -6.12 -12.70 3.43
C GLY B 287 -4.65 -12.34 3.46
N PHE B 288 -4.33 -11.09 3.11
CA PHE B 288 -2.96 -10.62 3.08
C PHE B 288 -2.69 -9.59 4.17
N GLN B 289 -1.46 -9.57 4.69
CA GLN B 289 -0.97 -8.49 5.57
C GLN B 289 -0.17 -7.52 4.69
N GLY B 290 -0.02 -6.27 5.15
CA GLY B 290 0.73 -5.25 4.39
C GLY B 290 2.23 -5.31 4.61
N ARG B 291 2.65 -5.84 5.75
CA ARG B 291 4.07 -5.94 6.07
C ARG B 291 4.25 -7.20 6.89
N CYS B 292 5.44 -7.77 6.86
CA CYS B 292 5.73 -8.94 7.66
C CYS B 292 5.40 -8.70 9.15
N ASN B 293 4.75 -9.67 9.77
CA ASN B 293 4.41 -9.58 11.18
C ASN B 293 3.42 -8.49 11.55
N LYS B 294 2.60 -8.05 10.58
CA LYS B 294 1.47 -7.18 10.90
C LYS B 294 0.16 -7.91 10.58
N LEU B 295 -0.97 -7.27 10.84
CA LEU B 295 -2.27 -7.97 10.77
C LEU B 295 -2.84 -8.04 9.37
N VAL B 296 -3.68 -9.05 9.14
CA VAL B 296 -4.46 -9.19 7.90
C VAL B 296 -5.31 -7.94 7.70
N ASP B 297 -5.56 -7.58 6.45
CA ASP B 297 -6.41 -6.43 6.16
C ASP B 297 -6.97 -6.60 4.76
N GLY B 298 -8.28 -6.56 4.64
CA GLY B 298 -8.95 -6.71 3.37
C GLY B 298 -8.43 -5.86 2.20
N CYS B 299 -7.97 -4.64 2.44
CA CYS B 299 -7.53 -3.83 1.30
C CYS B 299 -6.25 -4.40 0.65
N TYR B 300 -5.45 -5.13 1.41
CA TYR B 300 -4.25 -5.77 0.83
C TYR B 300 -4.60 -6.95 -0.07
N SER B 301 -5.88 -7.32 -0.11
CA SER B 301 -6.37 -8.27 -1.11
C SER B 301 -6.03 -7.73 -2.49
N PHE B 302 -6.09 -6.41 -2.64
CA PHE B 302 -5.63 -5.82 -3.89
C PHE B 302 -4.11 -5.52 -3.91
N TRP B 303 -3.63 -4.71 -2.98
CA TRP B 303 -2.24 -4.25 -3.09
C TRP B 303 -1.25 -5.40 -3.17
N GLN B 304 -1.48 -6.46 -2.40
CA GLN B 304 -0.56 -7.61 -2.42
C GLN B 304 -0.91 -8.58 -3.53
N ALA B 305 -2.16 -9.05 -3.55
CA ALA B 305 -2.53 -10.08 -4.53
C ALA B 305 -2.41 -9.56 -5.96
N GLY B 306 -2.67 -8.28 -6.17
CA GLY B 306 -2.47 -7.66 -7.50
C GLY B 306 -1.03 -7.71 -8.01
N LEU B 307 -0.06 -7.90 -7.12
CA LEU B 307 1.31 -8.09 -7.57
C LEU B 307 1.49 -9.40 -8.34
N LEU B 308 0.66 -10.40 -8.04
CA LEU B 308 0.89 -11.71 -8.69
C LEU B 308 0.63 -11.69 -10.21
N PRO B 309 -0.47 -11.06 -10.65
CA PRO B 309 -0.63 -10.93 -12.11
C PRO B 309 0.48 -10.08 -12.75
N LEU B 310 0.97 -9.07 -12.03
CA LEU B 310 2.06 -8.26 -12.56
C LEU B 310 3.34 -9.09 -12.68
N LEU B 311 3.63 -9.88 -11.65
CA LEU B 311 4.81 -10.75 -11.68
C LEU B 311 4.66 -11.82 -12.76
N HIS B 312 3.45 -12.33 -12.93
CA HIS B 312 3.22 -13.34 -13.96
C HIS B 312 3.55 -12.78 -15.36
N ARG B 313 3.04 -11.60 -15.63
CA ARG B 313 3.29 -10.96 -16.91
C ARG B 313 4.79 -10.73 -17.10
N ALA B 314 5.45 -10.22 -16.05
CA ALA B 314 6.88 -9.93 -16.11
C ALA B 314 7.73 -11.18 -16.38
N LEU B 315 7.42 -12.26 -15.67
CA LEU B 315 8.16 -13.51 -15.85
C LEU B 315 7.86 -14.12 -17.20
N HIS B 316 6.60 -14.03 -17.62
CA HIS B 316 6.19 -14.56 -18.92
C HIS B 316 6.89 -13.83 -20.06
N ALA B 317 7.13 -12.53 -19.88
CA ALA B 317 7.82 -11.73 -20.88
C ALA B 317 9.27 -12.21 -21.04
N GLN B 318 9.80 -12.79 -19.97
CA GLN B 318 11.17 -13.32 -19.96
C GLN B 318 11.29 -14.79 -20.37
N GLY B 319 10.20 -15.40 -20.79
CA GLY B 319 10.24 -16.78 -21.29
C GLY B 319 10.24 -17.86 -20.20
N ASP B 320 9.80 -17.50 -19.00
CA ASP B 320 9.81 -18.45 -17.88
C ASP B 320 9.00 -19.71 -18.20
N PRO B 321 9.69 -20.85 -18.37
CA PRO B 321 8.98 -22.05 -18.78
C PRO B 321 8.18 -22.72 -17.65
N ALA B 322 8.36 -22.27 -16.42
CA ALA B 322 7.72 -22.91 -15.28
C ALA B 322 6.39 -22.25 -14.85
N LEU B 323 6.03 -21.13 -15.46
CA LEU B 323 4.81 -20.43 -15.02
C LEU B 323 3.54 -21.26 -15.24
N SER B 324 2.62 -21.17 -14.29
CA SER B 324 1.31 -21.79 -14.44
C SER B 324 0.55 -21.20 -15.63
N MET B 325 -0.24 -22.03 -16.29
CA MET B 325 -1.16 -21.55 -17.32
C MET B 325 -2.61 -21.47 -16.82
N SER B 326 -2.81 -21.53 -15.51
CA SER B 326 -4.17 -21.57 -14.98
C SER B 326 -4.42 -20.81 -13.67
N HIS B 327 -3.35 -20.53 -12.92
CA HIS B 327 -3.49 -19.93 -11.59
C HIS B 327 -2.45 -18.87 -11.33
N TRP B 328 -2.81 -17.87 -10.52
CA TRP B 328 -1.83 -16.92 -9.98
C TRP B 328 -1.09 -17.64 -8.87
N MET B 329 0.09 -17.15 -8.54
CA MET B 329 0.91 -17.77 -7.52
C MET B 329 0.55 -17.29 -6.12
N PHE B 330 -0.75 -17.32 -5.80
CA PHE B 330 -1.20 -17.19 -4.41
C PHE B 330 -2.41 -18.10 -4.26
N HIS B 331 -2.90 -18.26 -3.04
CA HIS B 331 -4.02 -19.16 -2.83
C HIS B 331 -5.30 -18.39 -3.17
N GLN B 332 -5.77 -18.56 -4.41
CA GLN B 332 -6.91 -17.81 -4.87
C GLN B 332 -8.16 -18.14 -4.06
N GLN B 333 -8.35 -19.41 -3.76
CA GLN B 333 -9.52 -19.80 -3.01
C GLN B 333 -9.51 -19.20 -1.61
N ALA B 334 -8.38 -19.29 -0.92
CA ALA B 334 -8.31 -18.80 0.45
C ALA B 334 -8.59 -17.30 0.52
N LEU B 335 -8.11 -16.55 -0.47
CA LEU B 335 -8.32 -15.10 -0.44
C LEU B 335 -9.81 -14.82 -0.58
N GLN B 336 -10.47 -15.56 -1.47
CA GLN B 336 -11.90 -15.38 -1.68
C GLN B 336 -12.69 -15.71 -0.40
N GLU B 337 -12.25 -16.75 0.29
CA GLU B 337 -12.89 -17.12 1.56
C GLU B 337 -12.76 -16.01 2.59
N TYR B 338 -11.56 -15.44 2.70
CA TYR B 338 -11.36 -14.34 3.67
C TYR B 338 -12.26 -13.13 3.34
N ILE B 339 -12.33 -12.76 2.06
CA ILE B 339 -13.11 -11.59 1.67
C ILE B 339 -14.59 -11.87 1.90
N LEU B 340 -15.07 -13.01 1.39
CA LEU B 340 -16.50 -13.28 1.46
C LEU B 340 -17.02 -13.54 2.88
N MET B 341 -16.25 -14.26 3.69
CA MET B 341 -16.70 -14.57 5.06
C MET B 341 -16.38 -13.48 6.07
N CYS B 342 -15.27 -12.78 5.87
CA CYS B 342 -14.81 -11.86 6.93
C CYS B 342 -14.90 -10.39 6.61
N CYS B 343 -14.97 -10.03 5.33
CA CYS B 343 -14.85 -8.62 4.98
C CYS B 343 -16.13 -7.95 4.50
N GLN B 344 -17.26 -8.63 4.55
CA GLN B 344 -18.51 -7.99 4.13
C GLN B 344 -19.28 -7.44 5.32
N CYS B 345 -19.69 -6.18 5.21
CA CYS B 345 -20.58 -5.60 6.21
C CYS B 345 -22.02 -6.03 5.89
N PRO B 346 -22.74 -6.59 6.87
CA PRO B 346 -24.10 -7.04 6.57
C PRO B 346 -24.99 -5.91 6.05
N ALA B 347 -24.66 -4.68 6.40
CA ALA B 347 -25.42 -3.52 5.92
C ALA B 347 -25.00 -3.04 4.52
N GLY B 348 -23.99 -3.70 3.94
CA GLY B 348 -23.50 -3.29 2.63
C GLY B 348 -22.15 -2.59 2.82
N GLY B 349 -21.27 -2.72 1.83
CA GLY B 349 -19.90 -2.22 2.00
C GLY B 349 -18.97 -3.33 2.49
N LEU B 350 -17.68 -3.13 2.33
CA LEU B 350 -16.71 -4.09 2.79
C LEU B 350 -15.68 -3.43 3.70
N LEU B 351 -14.85 -4.25 4.32
CA LEU B 351 -14.01 -3.70 5.36
C LEU B 351 -12.68 -4.42 5.53
N ASP B 352 -11.89 -3.83 6.40
CA ASP B 352 -10.54 -4.30 6.75
C ASP B 352 -10.57 -5.73 7.34
N LYS B 353 -11.28 -5.89 8.45
CA LYS B 353 -11.40 -7.19 9.10
C LYS B 353 -12.63 -7.13 10.01
N PRO B 354 -13.07 -8.27 10.54
CA PRO B 354 -14.27 -8.25 11.39
C PRO B 354 -14.10 -7.29 12.56
N GLY B 355 -15.14 -6.52 12.86
CA GLY B 355 -15.09 -5.59 13.98
C GLY B 355 -14.79 -4.17 13.53
N LYS B 356 -14.30 -4.02 12.30
CA LYS B 356 -14.01 -2.69 11.77
C LYS B 356 -15.24 -2.13 11.09
N SER B 357 -15.25 -0.83 10.84
CA SER B 357 -16.40 -0.26 10.16
C SER B 357 -16.14 -0.15 8.66
N ARG B 358 -17.22 -0.21 7.88
CA ARG B 358 -17.12 -0.15 6.44
C ARG B 358 -16.65 1.24 6.00
N ASP B 359 -16.06 1.31 4.82
CA ASP B 359 -15.73 2.59 4.22
C ASP B 359 -15.60 2.31 2.72
N PHE B 360 -15.62 3.35 1.90
CA PHE B 360 -15.63 3.17 0.46
C PHE B 360 -14.27 2.68 -0.08
N TYR B 361 -13.20 3.01 0.62
CA TYR B 361 -11.87 2.57 0.24
C TYR B 361 -11.76 1.05 0.36
N HIS B 362 -12.16 0.49 1.49
CA HIS B 362 -12.15 -0.96 1.64
C HIS B 362 -13.14 -1.66 0.72
N THR B 363 -14.25 -0.99 0.43
CA THR B 363 -15.21 -1.56 -0.50
C THR B 363 -14.54 -1.72 -1.87
N CYS B 364 -13.84 -0.67 -2.31
CA CYS B 364 -13.13 -0.68 -3.58
C CYS B 364 -12.08 -1.80 -3.61
N TYR B 365 -11.20 -1.84 -2.62
CA TYR B 365 -10.04 -2.73 -2.73
C TYR B 365 -10.32 -4.20 -2.37
N CYS B 366 -11.28 -4.42 -1.47
CA CYS B 366 -11.71 -5.80 -1.21
C CYS B 366 -12.31 -6.37 -2.48
N LEU B 367 -13.16 -5.59 -3.15
CA LEU B 367 -13.77 -6.09 -4.38
C LEU B 367 -12.72 -6.27 -5.49
N SER B 368 -11.81 -5.32 -5.59
CA SER B 368 -10.75 -5.42 -6.60
C SER B 368 -9.94 -6.70 -6.39
N GLY B 369 -9.60 -6.98 -5.14
CA GLY B 369 -8.82 -8.18 -4.81
C GLY B 369 -9.63 -9.44 -5.09
N LEU B 370 -10.92 -9.41 -4.78
CA LEU B 370 -11.80 -10.54 -5.09
C LEU B 370 -11.77 -10.85 -6.59
N SER B 371 -11.87 -9.80 -7.42
CA SER B 371 -11.88 -10.00 -8.86
C SER B 371 -10.56 -10.59 -9.36
N ILE B 372 -9.44 -10.11 -8.82
CA ILE B 372 -8.14 -10.69 -9.16
C ILE B 372 -8.12 -12.19 -8.81
N ALA B 373 -8.65 -12.52 -7.63
CA ALA B 373 -8.64 -13.92 -7.17
C ALA B 373 -9.53 -14.82 -8.02
N GLN B 374 -10.59 -14.26 -8.61
CA GLN B 374 -11.52 -15.06 -9.41
C GLN B 374 -11.03 -15.32 -10.84
N HIS B 375 -10.19 -14.44 -11.36
CA HIS B 375 -9.91 -14.43 -12.78
C HIS B 375 -8.42 -14.52 -13.11
N PHE B 376 -8.04 -15.61 -13.76
CA PHE B 376 -6.69 -15.75 -14.29
C PHE B 376 -6.72 -15.58 -15.79
N GLY B 377 -5.76 -14.86 -16.34
CA GLY B 377 -5.64 -14.76 -17.78
C GLY B 377 -4.18 -14.54 -18.14
N SER B 378 -3.72 -15.27 -19.16
CA SER B 378 -2.37 -15.08 -19.68
C SER B 378 -2.35 -15.62 -21.11
N GLY B 379 -2.00 -14.74 -22.06
CA GLY B 379 -2.07 -15.10 -23.47
C GLY B 379 -3.50 -15.45 -23.85
N ALA B 380 -3.69 -16.61 -24.46
CA ALA B 380 -5.02 -17.03 -24.85
C ALA B 380 -5.70 -17.86 -23.75
N MET B 381 -5.00 -18.05 -22.63
CA MET B 381 -5.51 -18.87 -21.55
C MET B 381 -6.34 -18.06 -20.55
N LEU B 382 -7.55 -18.53 -20.28
CA LEU B 382 -8.42 -17.92 -19.28
C LEU B 382 -8.89 -19.02 -18.35
N HIS B 383 -8.78 -18.81 -17.05
CA HIS B 383 -9.25 -19.81 -16.11
C HIS B 383 -9.87 -19.12 -14.92
N ASP B 384 -11.17 -19.30 -14.76
CA ASP B 384 -11.88 -18.65 -13.66
C ASP B 384 -12.10 -19.59 -12.50
N VAL B 385 -11.97 -19.05 -11.29
CA VAL B 385 -12.32 -19.79 -10.09
C VAL B 385 -13.24 -18.89 -9.26
N VAL B 386 -14.54 -19.04 -9.46
CA VAL B 386 -15.50 -18.24 -8.70
C VAL B 386 -16.07 -19.04 -7.53
N LEU B 387 -15.61 -18.72 -6.32
CA LEU B 387 -16.06 -19.44 -5.16
C LEU B 387 -17.49 -19.01 -4.83
N GLY B 388 -18.32 -19.96 -4.39
CA GLY B 388 -19.69 -19.66 -3.95
C GLY B 388 -20.70 -19.70 -5.08
N VAL B 389 -21.81 -18.99 -4.92
CA VAL B 389 -22.82 -18.95 -5.97
C VAL B 389 -22.22 -18.26 -7.19
N PRO B 390 -22.62 -18.70 -8.40
CA PRO B 390 -22.06 -18.18 -9.65
C PRO B 390 -22.21 -16.67 -9.78
N GLU B 391 -23.25 -16.10 -9.19
CA GLU B 391 -23.50 -14.65 -9.21
C GLU B 391 -22.39 -13.86 -8.53
N ASN B 392 -21.51 -14.56 -7.82
CA ASN B 392 -20.40 -13.88 -7.15
C ASN B 392 -19.38 -13.33 -8.15
N ALA B 393 -19.38 -13.82 -9.38
CA ALA B 393 -18.37 -13.42 -10.38
C ALA B 393 -18.40 -11.92 -10.59
N LEU B 394 -17.24 -11.28 -10.43
CA LEU B 394 -17.12 -9.85 -10.68
C LEU B 394 -16.57 -9.59 -12.08
N GLN B 395 -16.69 -8.35 -12.53
CA GLN B 395 -16.02 -7.96 -13.76
C GLN B 395 -14.51 -7.98 -13.50
N PRO B 396 -13.74 -8.28 -14.53
CA PRO B 396 -12.28 -8.25 -14.34
C PRO B 396 -11.75 -6.83 -14.11
N THR B 397 -10.58 -6.76 -13.46
CA THR B 397 -9.89 -5.50 -13.28
C THR B 397 -8.47 -5.61 -13.85
N HIS B 398 -7.97 -4.51 -14.40
CA HIS B 398 -6.61 -4.47 -14.94
C HIS B 398 -5.62 -4.32 -13.77
N PRO B 399 -4.62 -5.22 -13.67
CA PRO B 399 -3.78 -5.20 -12.46
C PRO B 399 -2.83 -4.01 -12.35
N VAL B 400 -2.60 -3.30 -13.45
CA VAL B 400 -1.76 -2.08 -13.39
C VAL B 400 -2.56 -0.88 -12.93
N TYR B 401 -3.71 -0.65 -13.60
CA TYR B 401 -4.50 0.56 -13.38
C TYR B 401 -5.64 0.42 -12.37
N ASN B 402 -6.07 -0.82 -12.14
CA ASN B 402 -7.25 -1.11 -11.32
C ASN B 402 -8.49 -0.36 -11.80
N ILE B 403 -8.71 -0.39 -13.10
CA ILE B 403 -10.02 -0.14 -13.70
C ILE B 403 -10.23 -1.29 -14.69
N GLY B 404 -11.44 -1.46 -15.20
CA GLY B 404 -11.69 -2.57 -16.15
C GLY B 404 -10.73 -2.55 -17.34
N PRO B 405 -10.29 -3.74 -17.79
CA PRO B 405 -9.37 -3.80 -18.93
C PRO B 405 -10.00 -3.20 -20.18
N ASP B 406 -11.31 -3.32 -20.32
CA ASP B 406 -12.03 -2.68 -21.42
C ASP B 406 -11.87 -1.15 -21.37
N LYS B 407 -11.96 -0.60 -20.15
CA LYS B 407 -11.79 0.85 -19.97
C LYS B 407 -10.36 1.27 -20.29
N VAL B 408 -9.38 0.45 -19.93
CA VAL B 408 -7.98 0.77 -20.24
C VAL B 408 -7.79 0.83 -21.76
N ILE B 409 -8.29 -0.18 -22.45
CA ILE B 409 -8.08 -0.23 -23.89
C ILE B 409 -8.77 0.93 -24.57
N GLN B 410 -9.99 1.22 -24.14
CA GLN B 410 -10.76 2.30 -24.75
C GLN B 410 -10.09 3.66 -24.51
N ALA B 411 -9.62 3.89 -23.30
CA ALA B 411 -8.99 5.17 -23.01
C ALA B 411 -7.65 5.29 -23.74
N THR B 412 -6.84 4.24 -23.68
CA THR B 412 -5.52 4.32 -24.31
C THR B 412 -5.68 4.52 -25.81
N THR B 413 -6.66 3.83 -26.40
CA THR B 413 -6.91 3.98 -27.83
C THR B 413 -7.34 5.40 -28.20
N TYR B 414 -8.23 5.97 -27.39
CA TYR B 414 -8.69 7.32 -27.60
C TYR B 414 -7.54 8.32 -27.54
N PHE B 415 -6.75 8.26 -26.47
CA PHE B 415 -5.70 9.25 -26.28
C PHE B 415 -4.51 9.05 -27.22
N LEU B 416 -4.29 7.84 -27.69
CA LEU B 416 -3.19 7.61 -28.63
C LEU B 416 -3.43 8.34 -29.95
N GLN B 417 -4.67 8.77 -30.18
CA GLN B 417 -5.01 9.53 -31.38
C GLN B 417 -4.67 11.02 -31.23
N LYS B 418 -4.24 11.41 -30.04
CA LYS B 418 -3.86 12.79 -29.79
C LYS B 418 -2.34 12.88 -29.68
N PRO B 419 -1.76 14.02 -30.05
CA PRO B 419 -0.31 14.11 -29.98
C PRO B 419 0.14 14.25 -28.54
N VAL B 420 1.39 13.91 -28.26
CA VAL B 420 1.98 14.22 -26.95
C VAL B 420 2.16 15.74 -26.90
N PRO B 421 1.63 16.38 -25.84
CA PRO B 421 1.52 17.85 -25.89
C PRO B 421 2.85 18.56 -26.10
N GLY B 422 2.96 19.25 -27.24
CA GLY B 422 4.13 20.07 -27.54
C GLY B 422 5.36 19.26 -27.87
N PHE B 423 5.16 18.00 -28.23
CA PHE B 423 6.28 17.10 -28.44
C PHE B 423 6.05 16.13 -29.60
N GLU B 424 7.08 15.87 -30.38
CA GLU B 424 6.96 14.92 -31.49
C GLU B 424 8.12 13.94 -31.52
C1 GLC C . 18.04 -4.19 -2.15
C2 GLC C . 18.43 -2.79 -1.62
C3 GLC C . 19.92 -2.72 -1.27
C4 GLC C . 20.28 -3.84 -0.30
C5 GLC C . 19.79 -5.20 -0.85
C6 GLC C . 19.96 -6.32 0.18
O2 GLC C . 18.11 -1.79 -2.60
O3 GLC C . 20.22 -1.45 -0.67
O4 GLC C . 21.70 -3.86 -0.09
O5 GLC C . 18.36 -5.15 -1.14
O6 GLC C . 19.78 -7.61 -0.46
C1 FRU C . 17.43 -3.87 -5.27
C2 FRU C . 17.97 -5.04 -4.40
C3 FRU C . 18.84 -6.05 -5.17
C4 FRU C . 18.74 -7.27 -4.25
C5 FRU C . 17.25 -7.25 -3.94
C6 FRU C . 17.02 -7.95 -2.61
O1 FRU C . 16.68 -4.32 -6.40
O2 FRU C . 18.76 -4.46 -3.34
O3 FRU C . 20.20 -5.59 -5.25
O4 FRU C . 19.09 -8.46 -4.96
O5 FRU C . 16.89 -5.83 -3.85
O6 FRU C . 15.63 -8.02 -2.33
OAG ED5 D . -2.94 7.36 -3.37
CBE ED5 D . -3.35 6.25 -3.00
OBD ED5 D . -2.99 5.10 -3.77
CBP ED5 D . -2.06 5.12 -4.85
CAC ED5 D . -2.55 5.93 -6.04
CAD ED5 D . -0.79 5.77 -4.35
CAE ED5 D . -1.87 3.68 -5.29
NBL ED5 D . -4.10 6.06 -2.00
CAX ED5 D . -4.58 7.14 -1.14
CAV ED5 D . -3.88 6.96 0.20
CAW ED5 D . -4.53 4.73 -1.57
CAU ED5 D . -3.74 4.49 -0.29
CBK ED5 D . -4.02 5.56 0.78
CBB ED5 D . -2.94 5.56 1.86
NBN ED5 D . -3.11 4.64 3.01
SBQ ED5 D . -1.82 3.64 3.13
OAI ED5 D . -2.19 2.37 3.82
OAH ED5 D . -0.86 4.41 3.98
CBJ ED5 D . -1.05 3.32 1.74
CAN ED5 D . 0.03 4.13 1.38
CAL ED5 D . 0.72 3.93 0.19
CAK ED5 D . 0.35 2.90 -0.67
CAM ED5 D . -0.72 2.09 -0.31
CBF ED5 D . -1.41 2.28 0.88
CAA ED5 D . -2.54 1.37 1.23
CAZ ED5 D . -4.47 4.08 3.29
CAY ED5 D . -5.08 4.87 4.47
NBM ED5 D . -6.22 4.09 5.04
CBH ED5 D . -7.52 4.51 4.71
CAQ ED5 D . -8.61 4.06 5.46
CAO ED5 D . -9.91 4.42 5.11
CAR ED5 D . -7.75 5.30 3.59
CAP ED5 D . -9.04 5.67 3.24
CBG ED5 D . -10.11 5.24 4.00
CAJ ED5 D . -11.31 5.58 3.64
NAF ED5 D . -12.38 5.87 3.28
CBA ED5 D . -6.06 3.58 6.38
CBI ED5 D . -6.17 2.10 6.46
CAS ED5 D . -6.40 1.33 5.32
NBC ED5 D . -6.44 0.07 5.83
CAT ED5 D . -6.23 0.09 7.17
NBO ED5 D . -6.06 1.37 7.57
CAB ED5 D . -5.81 1.83 8.96
ZN ZN E . -6.99 -1.64 4.85
#